data_7AVS
#
_entry.id   7AVS
#
_cell.length_a   83.932
_cell.length_b   39.031
_cell.length_c   174.752
_cell.angle_alpha   90
_cell.angle_beta   90.06
_cell.angle_gamma   90
#
_symmetry.space_group_name_H-M   'P 1 21 1'
#
loop_
_entity.id
_entity.type
_entity.pdbx_description
1 polymer 'Son of sevenless homolog 1'
2 non-polymer IMIDAZOLE
3 non-polymer 6,7-dimethoxy-2-methyl-~{N}-[(1~{R})-1-[3-(trifluoromethyl)phenyl]ethyl]quinazolin-4-amine
4 water water
#
_entity_poly.entity_id   1
_entity_poly.type   'polypeptide(L)'
_entity_poly.pdbx_seq_one_letter_code
;GEEQMRLPSADVYRFAEPDSEENIIFEENMQPKAGIPIIKAGTVIKLIERLTYHMYADPNFVRTFLTTYRSFCKPQELLS
LIIERFEIPEPEPTEADRIAIENGDQPLSAELKRFRKEYIQPVQLRVLNVCRHWVEHHFYDFERDAYLLQRMEEFIGTVR
GKAMKKWVESITKIIQRKKIARDNGPGHNITFQSSPPTVEWHISRPGHIETFDLLTLHPIEIARQLTLLESDLYRAVQPS
ELVGSVWTKEDKEINSPNLLKMIRHTTNLTLWFEKCIVETENLEERVAVVSRIIEILQVFQELNNFNGVLEVVSAMNSSP
VYRLDHTFEQIPSRQKKILEEAHELSEDHYKKYLAKLRSINPPCVPFFGIYLTNILKTEEGNPEVLKRHGKELINFSKRR
KVAEITGEIQQYQNQPYCLRVESDIKRFFENLNPMGNSMEKEFTDYLFNKSLEIEPRNPKPLPRFPKKYSYPLKSPGVRP
SNPRPGT
;
_entity_poly.pdbx_strand_id   A,B
#
# COMPACT_ATOMS: atom_id res chain seq x y z
N GLY A 1 26.13 22.50 -4.28
CA GLY A 1 26.40 23.15 -5.55
C GLY A 1 26.14 24.65 -5.52
N GLU A 2 26.27 25.31 -6.70
CA GLU A 2 26.04 26.76 -6.84
C GLU A 2 24.63 27.19 -6.44
N GLU A 3 23.61 26.38 -6.78
CA GLU A 3 22.22 26.70 -6.48
C GLU A 3 21.98 26.87 -4.97
N GLN A 4 22.41 25.89 -4.14
CA GLN A 4 22.17 25.96 -2.70
C GLN A 4 23.04 27.05 -2.02
N MET A 5 24.20 27.41 -2.60
CA MET A 5 25.06 28.45 -2.04
C MET A 5 24.43 29.83 -2.23
N ARG A 6 23.73 30.05 -3.35
CA ARG A 6 22.99 31.30 -3.61
C ARG A 6 21.90 31.48 -2.54
N LEU A 7 21.21 30.39 -2.16
CA LEU A 7 20.13 30.42 -1.18
C LEU A 7 20.64 30.66 0.25
N PRO A 8 19.81 31.19 1.18
CA PRO A 8 20.30 31.40 2.55
C PRO A 8 20.57 30.12 3.31
N SER A 9 21.38 30.22 4.35
CA SER A 9 21.72 29.06 5.17
C SER A 9 20.55 28.65 6.08
N ALA A 10 20.54 27.36 6.47
CA ALA A 10 19.54 26.79 7.37
C ALA A 10 19.63 27.38 8.79
N ASP A 11 20.80 27.90 9.20
CA ASP A 11 20.95 28.52 10.52
C ASP A 11 20.31 29.95 10.59
N VAL A 12 19.90 30.53 9.45
CA VAL A 12 19.25 31.83 9.41
C VAL A 12 17.85 31.78 8.75
N TYR A 13 17.56 30.73 7.94
CA TYR A 13 16.29 30.64 7.21
C TYR A 13 15.87 29.20 7.05
N ARG A 14 14.68 28.84 7.55
CA ARG A 14 14.22 27.46 7.51
C ARG A 14 13.65 26.96 6.19
N PHE A 15 13.25 27.85 5.28
CA PHE A 15 12.60 27.46 4.03
C PHE A 15 13.57 27.23 2.89
N ALA A 16 14.89 27.20 3.13
CA ALA A 16 15.86 27.01 2.05
C ALA A 16 16.53 25.63 2.04
N GLU A 17 16.22 24.74 3.02
CA GLU A 17 16.76 23.36 3.05
C GLU A 17 16.41 22.64 1.69
N PRO A 18 17.32 21.89 1.02
CA PRO A 18 16.93 21.27 -0.26
C PRO A 18 15.86 20.20 -0.12
N ASP A 19 15.14 19.95 -1.21
CA ASP A 19 14.15 18.88 -1.23
C ASP A 19 14.86 17.54 -1.10
N SER A 20 14.18 16.58 -0.47
CA SER A 20 14.68 15.21 -0.30
C SER A 20 13.49 14.26 -0.08
N GLU A 21 13.74 12.95 -0.09
CA GLU A 21 12.68 11.97 0.10
C GLU A 21 12.11 11.97 1.52
N GLU A 22 12.70 12.74 2.47
CA GLU A 22 12.21 12.77 3.85
C GLU A 22 11.55 14.11 4.25
N ASN A 23 11.36 15.05 3.28
CA ASN A 23 10.67 16.30 3.58
C ASN A 23 9.56 16.59 2.57
N ILE A 24 9.57 16.03 1.35
CA ILE A 24 8.50 16.27 0.37
C ILE A 24 8.33 15.10 -0.59
N ILE A 25 7.09 14.75 -0.93
CA ILE A 25 6.74 13.68 -1.89
C ILE A 25 5.81 14.30 -2.93
N PHE A 26 5.96 13.90 -4.19
CA PHE A 26 5.10 14.35 -5.29
C PHE A 26 4.26 13.17 -5.82
N GLU A 27 3.14 13.46 -6.50
CA GLU A 27 2.26 12.40 -7.02
C GLU A 27 2.86 11.69 -8.24
N GLY A 35 3.40 20.70 -16.05
CA GLY A 35 4.41 21.70 -15.73
C GLY A 35 4.67 21.88 -14.25
N ILE A 36 3.60 22.00 -13.45
CA ILE A 36 3.70 22.16 -12.00
C ILE A 36 3.57 20.77 -11.36
N PRO A 37 4.49 20.34 -10.47
CA PRO A 37 4.33 19.02 -9.83
C PRO A 37 3.29 19.04 -8.70
N ILE A 38 2.40 18.03 -8.63
CA ILE A 38 1.37 17.96 -7.58
C ILE A 38 1.99 17.37 -6.29
N ILE A 39 1.86 18.08 -5.16
CA ILE A 39 2.43 17.63 -3.89
C ILE A 39 1.57 16.53 -3.25
N LYS A 40 2.17 15.37 -2.96
CA LYS A 40 1.54 14.26 -2.28
C LYS A 40 1.66 14.46 -0.77
N ALA A 41 2.87 14.80 -0.28
CA ALA A 41 3.11 14.96 1.15
C ALA A 41 4.32 15.87 1.44
N GLY A 42 4.49 16.32 2.68
CA GLY A 42 5.63 17.13 3.06
C GLY A 42 5.55 17.65 4.48
N THR A 43 6.67 18.15 5.02
CA THR A 43 6.63 18.77 6.35
C THR A 43 5.85 20.11 6.19
N VAL A 44 5.36 20.74 7.29
CA VAL A 44 4.64 22.02 7.14
C VAL A 44 5.56 23.06 6.50
N ILE A 45 6.87 23.04 6.81
CA ILE A 45 7.85 23.98 6.24
C ILE A 45 7.94 23.84 4.72
N LYS A 46 7.96 22.60 4.22
CA LYS A 46 8.03 22.38 2.76
C LYS A 46 6.69 22.72 2.08
N LEU A 47 5.55 22.57 2.79
CA LEU A 47 4.24 22.93 2.26
C LEU A 47 4.15 24.46 2.13
N ILE A 48 4.58 25.19 3.17
CA ILE A 48 4.60 26.67 3.16
C ILE A 48 5.53 27.15 2.03
N GLU A 49 6.69 26.51 1.87
CA GLU A 49 7.66 26.84 0.84
C GLU A 49 7.08 26.71 -0.55
N ARG A 50 6.39 25.61 -0.86
CA ARG A 50 5.79 25.43 -2.19
C ARG A 50 4.49 26.27 -2.36
N LEU A 51 3.87 26.67 -1.24
CA LEU A 51 2.72 27.57 -1.24
C LEU A 51 3.17 28.96 -1.72
N THR A 52 4.40 29.35 -1.34
CA THR A 52 4.96 30.64 -1.71
C THR A 52 6.25 30.43 -2.51
N TYR A 53 6.22 29.51 -3.50
CA TYR A 53 7.39 29.17 -4.31
C TYR A 53 7.83 30.32 -5.19
N HIS A 54 9.14 30.47 -5.38
CA HIS A 54 9.71 31.55 -6.19
C HIS A 54 9.61 31.29 -7.71
N MET A 55 9.71 30.04 -8.14
N MET A 55 9.71 30.03 -8.15
CA MET A 55 9.70 29.72 -9.56
CA MET A 55 9.68 29.73 -9.57
C MET A 55 8.35 29.92 -10.25
C MET A 55 8.34 29.95 -10.25
N TYR A 56 7.23 29.77 -9.52
CA TYR A 56 5.90 29.95 -10.11
C TYR A 56 4.80 30.10 -9.05
N ALA A 57 3.65 30.61 -9.51
CA ALA A 57 2.45 30.71 -8.70
C ALA A 57 1.71 29.35 -8.80
N ASP A 58 0.92 29.01 -7.79
CA ASP A 58 0.18 27.75 -7.79
C ASP A 58 -1.21 28.01 -7.22
N PRO A 59 -2.14 28.57 -8.02
CA PRO A 59 -3.48 28.87 -7.49
C PRO A 59 -4.25 27.66 -6.93
N ASN A 60 -4.09 26.47 -7.53
CA ASN A 60 -4.76 25.27 -7.05
C ASN A 60 -4.24 24.89 -5.67
N PHE A 61 -2.91 24.89 -5.49
CA PHE A 61 -2.34 24.51 -4.20
C PHE A 61 -2.67 25.56 -3.13
N VAL A 62 -2.73 26.85 -3.50
CA VAL A 62 -3.10 27.90 -2.54
C VAL A 62 -4.55 27.72 -2.06
N ARG A 63 -5.45 27.41 -2.99
CA ARG A 63 -6.86 27.20 -2.72
C ARG A 63 -7.03 26.01 -1.77
N THR A 64 -6.45 24.84 -2.13
CA THR A 64 -6.54 23.60 -1.35
C THR A 64 -5.92 23.78 0.04
N PHE A 65 -4.74 24.40 0.10
CA PHE A 65 -4.06 24.62 1.36
C PHE A 65 -4.90 25.48 2.32
N LEU A 66 -5.47 26.58 1.82
CA LEU A 66 -6.24 27.47 2.69
C LEU A 66 -7.60 26.90 3.09
N THR A 67 -8.10 25.86 2.39
CA THR A 67 -9.33 25.15 2.75
C THR A 67 -9.04 24.07 3.81
N THR A 68 -7.90 23.38 3.67
CA THR A 68 -7.56 22.22 4.49
C THR A 68 -6.44 22.38 5.54
N TYR A 69 -5.75 23.54 5.61
CA TYR A 69 -4.61 23.67 6.51
C TYR A 69 -4.94 23.46 7.97
N ARG A 70 -6.16 23.83 8.40
CA ARG A 70 -6.55 23.71 9.81
C ARG A 70 -6.51 22.28 10.34
N SER A 71 -6.45 21.26 9.45
CA SER A 71 -6.37 19.85 9.84
C SER A 71 -4.94 19.43 10.25
N PHE A 72 -3.90 20.25 9.97
CA PHE A 72 -2.52 19.99 10.36
C PHE A 72 -1.80 21.22 10.94
N CYS A 73 -2.43 22.41 10.93
CA CYS A 73 -1.76 23.64 11.33
C CYS A 73 -2.79 24.62 11.90
N LYS A 74 -2.46 25.33 12.99
CA LYS A 74 -3.38 26.30 13.58
C LYS A 74 -3.31 27.63 12.83
N PRO A 75 -4.39 28.44 12.77
CA PRO A 75 -4.29 29.74 12.07
C PRO A 75 -3.17 30.67 12.58
N GLN A 76 -2.93 30.71 13.90
CA GLN A 76 -1.86 31.55 14.46
C GLN A 76 -0.50 31.07 13.98
N GLU A 77 -0.31 29.75 13.91
CA GLU A 77 0.91 29.12 13.42
C GLU A 77 1.14 29.38 11.93
N LEU A 78 0.10 29.34 11.10
CA LEU A 78 0.22 29.62 9.68
C LEU A 78 0.66 31.05 9.47
N LEU A 79 0.09 32.00 10.23
CA LEU A 79 0.47 33.40 10.12
C LEU A 79 1.95 33.59 10.48
N SER A 80 2.41 32.98 11.59
CA SER A 80 3.82 33.03 11.97
C SER A 80 4.74 32.47 10.87
N LEU A 81 4.36 31.33 10.28
CA LEU A 81 5.17 30.69 9.25
C LEU A 81 5.30 31.52 7.96
N ILE A 82 4.20 32.13 7.46
CA ILE A 82 4.27 32.94 6.23
C ILE A 82 5.02 34.27 6.50
N ILE A 83 5.02 34.78 7.75
CA ILE A 83 5.78 35.98 8.11
C ILE A 83 7.27 35.63 8.12
N GLU A 84 7.61 34.48 8.73
CA GLU A 84 8.97 33.94 8.79
C GLU A 84 9.49 33.69 7.36
N ARG A 85 8.62 33.18 6.47
CA ARG A 85 8.93 32.94 5.07
C ARG A 85 9.28 34.25 4.34
N PHE A 86 8.53 35.34 4.66
CA PHE A 86 8.68 36.66 4.06
C PHE A 86 10.01 37.31 4.43
N GLU A 87 10.46 37.10 5.68
CA GLU A 87 11.69 37.72 6.20
C GLU A 87 12.91 36.96 5.73
N ILE A 88 13.29 37.16 4.45
CA ILE A 88 14.43 36.44 3.84
C ILE A 88 15.75 37.19 4.06
N PRO A 89 16.79 36.54 4.61
CA PRO A 89 18.09 37.25 4.76
C PRO A 89 18.76 37.49 3.41
N GLU A 90 19.30 38.69 3.21
CA GLU A 90 20.02 39.02 1.98
C GLU A 90 21.45 38.53 2.15
N PRO A 91 22.15 38.13 1.06
CA PRO A 91 23.53 37.69 1.22
C PRO A 91 24.49 38.82 1.60
N GLU A 92 25.62 38.45 2.21
CA GLU A 92 26.65 39.41 2.57
C GLU A 92 27.30 39.92 1.28
N PRO A 93 27.87 41.14 1.27
CA PRO A 93 28.55 41.62 0.05
C PRO A 93 29.78 40.78 -0.25
N THR A 94 30.15 40.69 -1.53
CA THR A 94 31.36 39.95 -1.93
C THR A 94 32.61 40.65 -1.35
N GLU A 95 33.80 40.04 -1.48
CA GLU A 95 35.02 40.63 -0.98
C GLU A 95 35.31 41.97 -1.66
N ALA A 96 35.15 42.03 -3.00
CA ALA A 96 35.37 43.29 -3.75
C ALA A 96 34.41 44.38 -3.28
N ASP A 97 33.13 44.03 -3.05
CA ASP A 97 32.11 44.97 -2.60
C ASP A 97 32.31 45.42 -1.18
N ARG A 98 32.85 44.56 -0.33
CA ARG A 98 33.19 44.93 1.05
C ARG A 98 34.25 46.05 1.00
N ILE A 99 35.27 45.89 0.11
CA ILE A 99 36.32 46.88 -0.09
C ILE A 99 35.72 48.18 -0.65
N ALA A 100 34.80 48.06 -1.61
CA ALA A 100 34.13 49.20 -2.20
C ALA A 100 33.35 50.01 -1.13
N ILE A 101 32.53 49.33 -0.30
CA ILE A 101 31.72 49.97 0.74
C ILE A 101 32.63 50.65 1.76
N GLU A 102 33.74 49.98 2.17
CA GLU A 102 34.68 50.54 3.15
C GLU A 102 35.46 51.78 2.64
N ASN A 103 35.47 51.98 1.31
CA ASN A 103 36.09 53.14 0.70
C ASN A 103 35.04 54.25 0.37
N GLY A 104 33.82 54.15 0.90
CA GLY A 104 32.76 55.10 0.64
C GLY A 104 32.17 55.05 -0.75
N ASP A 105 32.37 53.93 -1.49
CA ASP A 105 31.89 53.78 -2.86
C ASP A 105 30.69 52.85 -2.96
N GLN A 106 29.96 52.95 -4.08
CA GLN A 106 28.81 52.08 -4.31
C GLN A 106 29.28 50.68 -4.72
N PRO A 107 28.81 49.63 -4.02
CA PRO A 107 29.18 48.27 -4.44
C PRO A 107 28.46 47.88 -5.74
N LEU A 108 28.98 46.87 -6.43
CA LEU A 108 28.33 46.35 -7.63
C LEU A 108 27.08 45.58 -7.21
N SER A 109 27.17 44.75 -6.15
CA SER A 109 26.04 43.99 -5.59
C SER A 109 25.30 43.18 -6.68
N ALA A 110 26.04 42.53 -7.59
CA ALA A 110 25.42 41.79 -8.69
C ALA A 110 24.60 40.60 -8.18
N GLU A 111 25.17 39.74 -7.30
CA GLU A 111 24.44 38.60 -6.74
C GLU A 111 23.33 39.07 -5.83
N LEU A 112 23.57 40.08 -4.99
CA LEU A 112 22.53 40.62 -4.11
C LEU A 112 21.28 41.10 -4.91
N LYS A 113 21.48 41.86 -5.99
CA LYS A 113 20.37 42.30 -6.85
C LYS A 113 19.67 41.13 -7.52
N ARG A 114 20.45 40.12 -7.92
CA ARG A 114 19.91 38.93 -8.59
C ARG A 114 19.01 38.18 -7.57
N PHE A 115 19.51 37.90 -6.37
CA PHE A 115 18.77 37.24 -5.31
C PHE A 115 17.49 37.99 -4.92
N ARG A 116 17.55 39.34 -4.89
CA ARG A 116 16.39 40.17 -4.59
C ARG A 116 15.33 40.03 -5.70
N LYS A 117 15.74 40.14 -6.96
CA LYS A 117 14.82 40.08 -8.09
C LYS A 117 14.27 38.68 -8.35
N GLU A 118 15.14 37.65 -8.29
CA GLU A 118 14.78 36.29 -8.64
C GLU A 118 14.28 35.42 -7.49
N TYR A 119 14.44 35.86 -6.22
CA TYR A 119 14.00 35.07 -5.08
C TYR A 119 13.21 35.90 -4.03
N ILE A 120 13.80 36.96 -3.46
CA ILE A 120 13.10 37.71 -2.39
C ILE A 120 11.80 38.31 -2.88
N GLN A 121 11.83 39.03 -4.01
CA GLN A 121 10.62 39.69 -4.53
C GLN A 121 9.53 38.66 -4.89
N PRO A 122 9.79 37.61 -5.70
CA PRO A 122 8.74 36.60 -5.95
C PRO A 122 8.16 35.99 -4.68
N VAL A 123 8.98 35.52 -3.72
CA VAL A 123 8.49 34.89 -2.48
C VAL A 123 7.66 35.88 -1.67
N GLN A 124 8.16 37.10 -1.47
CA GLN A 124 7.42 38.11 -0.70
C GLN A 124 6.04 38.44 -1.34
N LEU A 125 5.96 38.49 -2.70
CA LEU A 125 4.69 38.71 -3.41
C LEU A 125 3.79 37.45 -3.30
N ARG A 126 4.39 36.25 -3.26
CA ARG A 126 3.63 35.02 -3.12
C ARG A 126 3.05 34.92 -1.71
N VAL A 127 3.77 35.40 -0.67
CA VAL A 127 3.28 35.45 0.72
C VAL A 127 2.10 36.41 0.79
N LEU A 128 2.18 37.57 0.13
CA LEU A 128 1.08 38.52 0.11
C LEU A 128 -0.15 37.99 -0.62
N ASN A 129 0.05 37.12 -1.62
CA ASN A 129 -1.03 36.49 -2.36
C ASN A 129 -1.77 35.49 -1.47
N VAL A 130 -1.05 34.78 -0.59
CA VAL A 130 -1.66 33.87 0.40
C VAL A 130 -2.50 34.72 1.35
N CYS A 131 -1.94 35.82 1.86
CA CYS A 131 -2.65 36.78 2.73
C CYS A 131 -3.95 37.25 2.07
N ARG A 132 -3.91 37.58 0.77
CA ARG A 132 -5.07 38.06 0.01
C ARG A 132 -6.13 36.97 -0.14
N HIS A 133 -5.73 35.74 -0.50
CA HIS A 133 -6.67 34.62 -0.63
C HIS A 133 -7.24 34.22 0.76
N TRP A 134 -6.43 34.37 1.83
CA TRP A 134 -6.82 34.05 3.20
C TRP A 134 -7.98 34.96 3.65
N VAL A 135 -7.85 36.27 3.51
CA VAL A 135 -8.89 37.21 3.93
C VAL A 135 -10.13 37.21 2.98
N GLU A 136 -9.93 36.95 1.69
CA GLU A 136 -11.01 36.93 0.69
C GLU A 136 -11.90 35.70 0.84
N HIS A 137 -11.32 34.50 0.95
CA HIS A 137 -12.11 33.28 0.98
C HIS A 137 -12.25 32.63 2.35
N HIS A 138 -11.54 33.11 3.38
CA HIS A 138 -11.57 32.50 4.71
C HIS A 138 -11.51 33.55 5.82
N PHE A 139 -12.22 34.67 5.66
CA PHE A 139 -12.22 35.74 6.67
C PHE A 139 -12.75 35.28 8.04
N TYR A 140 -13.52 34.17 8.09
CA TYR A 140 -14.01 33.62 9.35
C TYR A 140 -12.87 33.30 10.33
N ASP A 141 -11.66 32.96 9.85
CA ASP A 141 -10.52 32.71 10.75
C ASP A 141 -10.20 33.95 11.59
N PHE A 142 -10.33 35.13 10.98
CA PHE A 142 -10.06 36.43 11.59
C PHE A 142 -11.23 36.92 12.44
N GLU A 143 -12.47 36.54 12.12
CA GLU A 143 -13.63 36.89 12.93
C GLU A 143 -13.61 36.06 14.22
N ARG A 144 -13.26 34.77 14.10
CA ARG A 144 -13.15 33.87 15.25
C ARG A 144 -11.95 34.22 16.16
N ASP A 145 -10.92 34.91 15.62
CA ASP A 145 -9.74 35.30 16.37
C ASP A 145 -9.37 36.77 16.08
N ALA A 146 -9.77 37.69 16.96
CA ALA A 146 -9.46 39.12 16.77
C ALA A 146 -7.95 39.38 16.80
N TYR A 147 -7.21 38.59 17.59
CA TYR A 147 -5.76 38.73 17.71
C TYR A 147 -5.05 38.35 16.39
N LEU A 148 -5.58 37.37 15.65
CA LEU A 148 -5.04 36.96 14.34
C LEU A 148 -5.14 38.13 13.36
N LEU A 149 -6.25 38.90 13.40
CA LEU A 149 -6.44 40.04 12.54
C LEU A 149 -5.53 41.19 12.94
N GLN A 150 -5.33 41.44 14.26
CA GLN A 150 -4.40 42.45 14.74
C GLN A 150 -2.98 42.16 14.21
N ARG A 151 -2.54 40.89 14.25
CA ARG A 151 -1.24 40.47 13.74
C ARG A 151 -1.13 40.60 12.22
N MET A 152 -2.20 40.27 11.47
CA MET A 152 -2.19 40.36 10.01
C MET A 152 -2.12 41.83 9.60
N GLU A 153 -2.91 42.71 10.23
CA GLU A 153 -2.93 44.12 9.90
C GLU A 153 -1.62 44.83 10.31
N GLU A 154 -0.94 44.33 11.37
CA GLU A 154 0.36 44.86 11.78
C GLU A 154 1.39 44.45 10.72
N PHE A 155 1.36 43.19 10.27
CA PHE A 155 2.28 42.68 9.25
C PHE A 155 2.04 43.42 7.92
N ILE A 156 0.85 43.36 7.37
CA ILE A 156 0.50 44.07 6.14
C ILE A 156 0.80 45.59 6.23
N GLY A 157 0.52 46.21 7.38
CA GLY A 157 0.77 47.63 7.59
C GLY A 157 2.22 48.06 7.69
N THR A 158 3.15 47.12 7.93
CA THR A 158 4.59 47.46 7.99
C THR A 158 5.36 46.98 6.75
N VAL A 159 4.70 46.43 5.72
CA VAL A 159 5.37 45.98 4.49
C VAL A 159 5.75 47.21 3.65
N ARG A 160 7.04 47.36 3.29
CA ARG A 160 7.54 48.49 2.48
C ARG A 160 8.06 48.01 1.11
N GLY A 161 7.78 48.76 0.05
CA GLY A 161 8.22 48.38 -1.30
C GLY A 161 7.36 48.97 -2.40
N LYS A 162 7.92 49.02 -3.63
CA LYS A 162 7.21 49.57 -4.79
C LYS A 162 6.12 48.57 -5.21
N ALA A 163 6.52 47.33 -5.55
CA ALA A 163 5.61 46.26 -5.98
C ALA A 163 4.69 45.77 -4.87
N MET A 164 5.07 45.96 -3.60
CA MET A 164 4.27 45.51 -2.47
C MET A 164 3.04 46.40 -2.27
N LYS A 165 3.17 47.72 -2.56
CA LYS A 165 2.12 48.75 -2.40
C LYS A 165 0.73 48.33 -2.90
N LYS A 166 0.63 47.82 -4.14
CA LYS A 166 -0.66 47.41 -4.71
C LYS A 166 -1.26 46.24 -3.92
N TRP A 167 -0.41 45.29 -3.50
CA TRP A 167 -0.86 44.15 -2.73
C TRP A 167 -1.35 44.56 -1.36
N VAL A 168 -0.61 45.42 -0.66
CA VAL A 168 -1.02 45.87 0.68
C VAL A 168 -2.39 46.58 0.62
N GLU A 169 -2.65 47.38 -0.42
CA GLU A 169 -3.92 48.07 -0.56
C GLU A 169 -5.07 47.14 -0.92
N SER A 170 -4.84 46.12 -1.77
CA SER A 170 -5.91 45.20 -2.14
C SER A 170 -6.27 44.30 -0.96
N ILE A 171 -5.28 43.91 -0.12
CA ILE A 171 -5.56 43.09 1.06
C ILE A 171 -6.36 43.93 2.04
N THR A 172 -5.95 45.19 2.26
CA THR A 172 -6.68 46.10 3.17
C THR A 172 -8.11 46.33 2.67
N LYS A 173 -8.29 46.54 1.35
CA LYS A 173 -9.62 46.74 0.79
C LYS A 173 -10.50 45.51 1.06
N ILE A 174 -9.96 44.29 0.90
CA ILE A 174 -10.72 43.07 1.19
C ILE A 174 -11.04 42.99 2.70
N ILE A 175 -10.06 43.21 3.60
CA ILE A 175 -10.30 43.15 5.06
C ILE A 175 -11.44 44.08 5.47
N GLN A 176 -11.39 45.34 5.02
CA GLN A 176 -12.42 46.31 5.36
C GLN A 176 -13.79 45.94 4.76
N ARG A 177 -13.82 45.49 3.51
CA ARG A 177 -15.05 45.07 2.85
C ARG A 177 -15.69 43.89 3.63
N LYS A 178 -14.86 42.99 4.19
CA LYS A 178 -15.35 41.86 4.97
C LYS A 178 -15.87 42.33 6.33
N LYS A 179 -15.15 43.24 7.00
CA LYS A 179 -15.58 43.81 8.27
C LYS A 179 -16.97 44.47 8.15
N ILE A 180 -17.17 45.27 7.07
CA ILE A 180 -18.43 45.97 6.79
C ILE A 180 -19.55 44.99 6.51
N ALA A 181 -19.26 43.84 5.88
CA ALA A 181 -20.26 42.81 5.60
C ALA A 181 -20.92 42.28 6.88
N ARG A 182 -20.23 42.36 8.05
CA ARG A 182 -20.81 41.97 9.34
C ARG A 182 -22.09 42.77 9.61
N ASP A 183 -22.10 44.08 9.27
CA ASP A 183 -23.27 44.96 9.44
C ASP A 183 -23.54 45.80 8.19
N THR A 191 -33.27 41.41 -7.33
CA THR A 191 -32.67 40.07 -7.38
C THR A 191 -33.41 39.12 -8.37
N PHE A 192 -34.72 38.83 -8.14
CA PHE A 192 -35.47 37.90 -8.99
C PHE A 192 -35.77 38.48 -10.38
N GLN A 193 -35.61 37.68 -11.47
CA GLN A 193 -35.92 38.12 -12.83
C GLN A 193 -37.45 38.19 -13.03
N SER A 194 -38.19 37.25 -12.42
CA SER A 194 -39.66 37.20 -12.45
C SER A 194 -40.19 37.15 -11.02
N SER A 195 -41.48 37.49 -10.82
CA SER A 195 -42.07 37.45 -9.47
C SER A 195 -42.29 36.00 -9.02
N PRO A 196 -42.18 35.74 -7.71
CA PRO A 196 -42.39 34.39 -7.21
C PRO A 196 -43.88 34.01 -7.15
N PRO A 197 -44.20 32.71 -7.05
CA PRO A 197 -45.62 32.32 -6.99
C PRO A 197 -46.35 32.82 -5.75
N THR A 198 -47.67 32.87 -5.82
CA THR A 198 -48.49 33.30 -4.69
C THR A 198 -48.34 32.30 -3.54
N VAL A 199 -48.09 32.80 -2.32
CA VAL A 199 -47.96 31.97 -1.12
C VAL A 199 -49.28 31.24 -0.89
N GLU A 200 -49.21 29.92 -0.74
CA GLU A 200 -50.37 29.05 -0.57
C GLU A 200 -50.76 28.91 0.91
N TRP A 201 -52.08 28.90 1.16
CA TRP A 201 -52.65 28.67 2.49
C TRP A 201 -53.70 27.55 2.38
N HIS A 202 -53.95 26.84 3.49
CA HIS A 202 -54.89 25.74 3.51
C HIS A 202 -55.87 25.98 4.69
N ILE A 203 -55.72 25.36 5.88
CA ILE A 203 -56.64 25.61 6.99
C ILE A 203 -56.12 26.80 7.80
N SER A 204 -54.85 26.75 8.25
CA SER A 204 -54.23 27.85 9.03
C SER A 204 -54.22 29.16 8.25
N ARG A 205 -54.68 30.24 8.88
CA ARG A 205 -54.71 31.54 8.24
C ARG A 205 -53.38 32.27 8.44
N PRO A 206 -53.01 33.20 7.54
CA PRO A 206 -51.79 33.98 7.76
C PRO A 206 -51.79 34.71 9.12
N GLY A 207 -50.76 34.51 9.92
CA GLY A 207 -50.65 35.12 11.25
C GLY A 207 -51.09 34.25 12.42
N HIS A 208 -52.00 33.26 12.19
CA HIS A 208 -52.48 32.36 13.24
C HIS A 208 -51.45 31.24 13.46
N ILE A 209 -50.23 31.66 13.86
CA ILE A 209 -49.10 30.75 14.11
C ILE A 209 -49.41 29.69 15.16
N GLU A 210 -50.33 29.98 16.08
CA GLU A 210 -50.75 29.07 17.12
C GLU A 210 -51.39 27.81 16.53
N THR A 211 -52.00 27.89 15.33
CA THR A 211 -52.61 26.74 14.67
C THR A 211 -51.70 26.06 13.63
N PHE A 212 -50.51 26.63 13.33
CA PHE A 212 -49.59 26.06 12.34
C PHE A 212 -49.18 24.63 12.74
N ASP A 213 -49.33 23.69 11.80
CA ASP A 213 -48.97 22.30 11.97
C ASP A 213 -48.84 21.61 10.58
N LEU A 214 -48.47 20.34 10.53
CA LEU A 214 -48.27 19.62 9.28
C LEU A 214 -49.50 19.60 8.38
N LEU A 215 -50.70 19.35 8.94
CA LEU A 215 -51.90 19.22 8.13
C LEU A 215 -52.66 20.54 7.94
N THR A 216 -52.38 21.57 8.75
CA THR A 216 -53.09 22.84 8.64
C THR A 216 -52.44 23.78 7.63
N LEU A 217 -51.11 23.78 7.54
CA LEU A 217 -50.39 24.57 6.54
C LEU A 217 -50.53 23.87 5.17
N HIS A 218 -50.42 24.62 4.06
CA HIS A 218 -50.56 24.03 2.73
C HIS A 218 -49.32 23.14 2.43
N PRO A 219 -49.47 21.89 1.93
CA PRO A 219 -48.28 21.07 1.64
C PRO A 219 -47.30 21.71 0.66
N ILE A 220 -47.80 22.55 -0.27
CA ILE A 220 -46.93 23.23 -1.23
C ILE A 220 -46.08 24.23 -0.46
N GLU A 221 -46.69 25.02 0.43
CA GLU A 221 -45.96 26.06 1.14
C GLU A 221 -45.00 25.50 2.19
N ILE A 222 -45.29 24.33 2.76
CA ILE A 222 -44.38 23.67 3.70
C ILE A 222 -43.08 23.33 2.98
N ALA A 223 -43.18 22.71 1.79
CA ALA A 223 -41.98 22.36 1.02
C ALA A 223 -41.26 23.62 0.48
N ARG A 224 -41.99 24.67 0.08
CA ARG A 224 -41.37 25.89 -0.45
C ARG A 224 -40.56 26.58 0.64
N GLN A 225 -41.14 26.72 1.84
CA GLN A 225 -40.46 27.38 2.95
C GLN A 225 -39.34 26.51 3.51
N LEU A 226 -39.50 25.18 3.51
CA LEU A 226 -38.40 24.31 3.96
C LEU A 226 -37.27 24.38 2.93
N THR A 227 -37.57 24.45 1.62
CA THR A 227 -36.53 24.54 0.61
C THR A 227 -35.75 25.85 0.71
N LEU A 228 -36.41 26.95 1.07
CA LEU A 228 -35.72 28.22 1.27
C LEU A 228 -34.81 28.12 2.49
N LEU A 229 -35.34 27.61 3.61
CA LEU A 229 -34.59 27.43 4.85
C LEU A 229 -33.41 26.50 4.63
N GLU A 230 -33.59 25.38 3.94
CA GLU A 230 -32.50 24.42 3.65
C GLU A 230 -31.52 24.97 2.63
N SER A 231 -31.98 25.78 1.65
CA SER A 231 -31.10 26.41 0.66
C SER A 231 -30.19 27.38 1.39
N ASP A 232 -30.75 28.23 2.26
CA ASP A 232 -29.95 29.15 3.06
C ASP A 232 -28.94 28.40 3.93
N LEU A 233 -29.37 27.32 4.59
CA LEU A 233 -28.48 26.52 5.43
C LEU A 233 -27.35 25.88 4.63
N TYR A 234 -27.67 25.38 3.44
CA TYR A 234 -26.68 24.75 2.54
C TYR A 234 -25.61 25.75 2.10
N ARG A 235 -26.02 26.97 1.75
CA ARG A 235 -25.16 28.02 1.22
C ARG A 235 -24.25 28.66 2.29
N ALA A 236 -24.59 28.54 3.57
CA ALA A 236 -23.75 29.12 4.64
C ALA A 236 -22.60 28.22 5.05
N VAL A 237 -22.62 26.92 4.69
CA VAL A 237 -21.57 25.97 5.08
C VAL A 237 -20.29 26.25 4.28
N GLN A 238 -19.15 26.36 4.98
CA GLN A 238 -17.84 26.62 4.37
C GLN A 238 -17.06 25.32 4.27
N PRO A 239 -16.37 25.04 3.15
CA PRO A 239 -15.58 23.79 3.07
C PRO A 239 -14.73 23.40 4.28
N SER A 240 -14.13 24.37 4.98
CA SER A 240 -13.30 24.09 6.15
C SER A 240 -14.07 23.45 7.31
N GLU A 241 -15.39 23.65 7.38
CA GLU A 241 -16.23 23.04 8.42
C GLU A 241 -16.27 21.51 8.31
N LEU A 242 -15.96 20.98 7.11
CA LEU A 242 -15.97 19.56 6.84
C LEU A 242 -14.57 18.91 6.87
N VAL A 243 -13.48 19.69 6.72
CA VAL A 243 -12.13 19.08 6.71
C VAL A 243 -11.67 18.66 8.11
N GLY A 244 -10.95 17.56 8.18
CA GLY A 244 -10.46 17.01 9.43
C GLY A 244 -11.54 16.48 10.35
N SER A 245 -12.80 16.23 9.82
CA SER A 245 -13.96 15.76 10.63
C SER A 245 -14.16 16.64 11.87
N VAL A 246 -13.93 17.96 11.73
CA VAL A 246 -13.98 18.89 12.86
C VAL A 246 -15.36 19.07 13.45
N TRP A 247 -16.46 18.79 12.72
CA TRP A 247 -17.80 18.87 13.30
C TRP A 247 -18.05 17.67 14.29
N THR A 248 -17.20 16.62 14.23
CA THR A 248 -17.27 15.45 15.10
C THR A 248 -16.28 15.61 16.29
N LYS A 249 -15.24 16.47 16.15
CA LYS A 249 -14.26 16.70 17.22
C LYS A 249 -14.88 17.62 18.32
N GLU A 250 -14.13 17.84 19.42
CA GLU A 250 -14.62 18.56 20.59
C GLU A 250 -14.96 20.06 20.38
N ASP A 251 -14.14 20.79 19.60
CA ASP A 251 -14.37 22.21 19.33
C ASP A 251 -15.35 22.43 18.14
N LYS A 252 -16.20 21.42 17.82
CA LYS A 252 -17.17 21.46 16.71
C LYS A 252 -18.01 22.74 16.60
N GLU A 253 -18.44 23.31 17.74
CA GLU A 253 -19.32 24.48 17.76
C GLU A 253 -18.71 25.75 17.18
N ILE A 254 -17.37 25.91 17.21
CA ILE A 254 -16.72 27.09 16.67
C ILE A 254 -16.20 26.85 15.25
N ASN A 255 -15.71 25.64 14.97
CA ASN A 255 -15.15 25.28 13.66
C ASN A 255 -16.21 24.94 12.63
N SER A 256 -17.38 24.44 13.08
CA SER A 256 -18.46 23.98 12.19
C SER A 256 -19.86 24.52 12.62
N PRO A 257 -20.05 25.84 12.79
CA PRO A 257 -21.36 26.34 13.23
C PRO A 257 -22.49 26.24 12.19
N ASN A 258 -22.20 26.47 10.93
CA ASN A 258 -23.20 26.40 9.85
C ASN A 258 -23.53 24.95 9.50
N LEU A 259 -22.52 24.06 9.52
CA LEU A 259 -22.72 22.65 9.25
C LEU A 259 -23.55 22.01 10.36
N LEU A 260 -23.27 22.32 11.62
CA LEU A 260 -24.05 21.78 12.74
C LEU A 260 -25.51 22.26 12.66
N LYS A 261 -25.76 23.48 12.22
CA LYS A 261 -27.13 23.99 12.04
C LYS A 261 -27.86 23.15 10.98
N MET A 262 -27.16 22.78 9.89
CA MET A 262 -27.69 21.98 8.78
C MET A 262 -28.03 20.57 9.26
N ILE A 263 -27.14 19.95 10.07
CA ILE A 263 -27.34 18.62 10.65
C ILE A 263 -28.51 18.63 11.66
N ARG A 264 -28.58 19.65 12.52
CA ARG A 264 -29.65 19.74 13.51
C ARG A 264 -30.99 19.96 12.83
N HIS A 265 -31.05 20.73 11.74
CA HIS A 265 -32.29 20.94 11.01
C HIS A 265 -32.78 19.62 10.42
N THR A 266 -31.89 18.89 9.74
CA THR A 266 -32.24 17.59 9.15
C THR A 266 -32.68 16.58 10.23
N THR A 267 -32.00 16.55 11.39
CA THR A 267 -32.40 15.65 12.48
C THR A 267 -33.79 16.07 12.97
N ASN A 268 -33.97 17.36 13.30
CA ASN A 268 -35.26 17.87 13.78
C ASN A 268 -36.40 17.66 12.79
N LEU A 269 -36.20 17.93 11.49
CA LEU A 269 -37.29 17.78 10.52
C LEU A 269 -37.68 16.32 10.34
N THR A 270 -36.69 15.42 10.22
CA THR A 270 -36.90 13.97 10.05
C THR A 270 -37.62 13.39 11.26
N LEU A 271 -37.18 13.75 12.47
CA LEU A 271 -37.83 13.27 13.70
C LEU A 271 -39.20 13.90 13.87
N TRP A 272 -39.43 15.12 13.36
CA TRP A 272 -40.74 15.75 13.43
C TRP A 272 -41.72 14.96 12.56
N PHE A 273 -41.30 14.53 11.36
CA PHE A 273 -42.16 13.72 10.50
C PHE A 273 -42.53 12.40 11.19
N GLU A 274 -41.56 11.74 11.82
CA GLU A 274 -41.81 10.50 12.56
C GLU A 274 -42.76 10.73 13.73
N LYS A 275 -42.58 11.83 14.47
CA LYS A 275 -43.43 12.19 15.59
C LYS A 275 -44.89 12.40 15.12
N CYS A 276 -45.09 13.16 14.02
CA CYS A 276 -46.40 13.41 13.44
C CYS A 276 -47.08 12.11 13.03
N ILE A 277 -46.29 11.15 12.51
CA ILE A 277 -46.80 9.87 12.06
C ILE A 277 -47.18 8.98 13.28
N VAL A 278 -46.22 8.58 14.13
CA VAL A 278 -46.49 7.64 15.22
C VAL A 278 -47.39 8.22 16.30
N GLU A 279 -47.37 9.53 16.54
CA GLU A 279 -48.25 10.11 17.54
C GLU A 279 -49.68 10.30 17.04
N THR A 280 -49.99 9.89 15.79
CA THR A 280 -51.36 9.90 15.26
C THR A 280 -51.81 8.44 15.37
N GLU A 281 -52.43 8.09 16.50
CA GLU A 281 -52.82 6.73 16.79
C GLU A 281 -53.95 6.20 15.89
N ASN A 282 -54.89 7.06 15.48
CA ASN A 282 -55.97 6.62 14.59
C ASN A 282 -55.36 6.26 13.21
N LEU A 283 -55.69 5.07 12.70
CA LEU A 283 -55.14 4.60 11.43
C LEU A 283 -55.44 5.53 10.26
N GLU A 284 -56.70 5.90 10.07
CA GLU A 284 -57.17 6.74 8.96
C GLU A 284 -56.47 8.09 8.96
N GLU A 285 -56.39 8.74 10.14
CA GLU A 285 -55.70 10.02 10.31
C GLU A 285 -54.21 9.89 10.04
N ARG A 286 -53.56 8.79 10.48
CA ARG A 286 -52.14 8.55 10.25
C ARG A 286 -51.86 8.34 8.76
N VAL A 287 -52.77 7.71 8.02
CA VAL A 287 -52.65 7.52 6.58
C VAL A 287 -52.62 8.91 5.91
N ALA A 288 -53.47 9.85 6.36
CA ALA A 288 -53.52 11.22 5.84
C ALA A 288 -52.20 11.99 6.11
N VAL A 289 -51.62 11.83 7.33
CA VAL A 289 -50.33 12.41 7.72
C VAL A 289 -49.22 11.90 6.78
N VAL A 290 -49.10 10.57 6.62
CA VAL A 290 -48.11 9.98 5.73
C VAL A 290 -48.33 10.44 4.28
N SER A 291 -49.58 10.42 3.82
CA SER A 291 -49.94 10.85 2.46
C SER A 291 -49.51 12.33 2.23
N ARG A 292 -49.68 13.19 3.26
CA ARG A 292 -49.31 14.61 3.19
C ARG A 292 -47.80 14.78 3.13
N ILE A 293 -47.03 13.94 3.85
CA ILE A 293 -45.58 14.01 3.82
C ILE A 293 -45.09 13.56 2.43
N ILE A 294 -45.74 12.57 1.78
CA ILE A 294 -45.38 12.18 0.41
C ILE A 294 -45.69 13.34 -0.55
N GLU A 295 -46.76 14.11 -0.32
CA GLU A 295 -47.07 15.27 -1.15
C GLU A 295 -46.01 16.33 -0.97
N ILE A 296 -45.52 16.53 0.28
CA ILE A 296 -44.45 17.46 0.57
C ILE A 296 -43.18 17.02 -0.22
N LEU A 297 -42.88 15.70 -0.28
CA LEU A 297 -41.76 15.17 -1.04
C LEU A 297 -41.93 15.46 -2.53
N GLN A 298 -43.14 15.28 -3.08
CA GLN A 298 -43.42 15.55 -4.50
C GLN A 298 -43.09 16.98 -4.86
N VAL A 299 -43.36 17.93 -3.97
CA VAL A 299 -43.06 19.34 -4.20
C VAL A 299 -41.54 19.58 -4.06
N PHE A 300 -40.87 18.90 -3.10
CA PHE A 300 -39.41 18.95 -2.98
C PHE A 300 -38.75 18.43 -4.28
N GLN A 301 -39.36 17.43 -4.94
CA GLN A 301 -38.88 16.91 -6.23
C GLN A 301 -39.03 17.99 -7.30
N GLU A 302 -40.18 18.68 -7.35
CA GLU A 302 -40.43 19.76 -8.33
C GLU A 302 -39.44 20.89 -8.17
N LEU A 303 -39.07 21.21 -6.92
CA LEU A 303 -38.12 22.27 -6.59
C LEU A 303 -36.66 21.81 -6.67
N ASN A 304 -36.39 20.52 -7.00
CA ASN A 304 -35.04 19.96 -7.01
C ASN A 304 -34.35 20.10 -5.63
N ASN A 305 -35.13 20.00 -4.55
CA ASN A 305 -34.59 20.02 -3.22
C ASN A 305 -34.35 18.55 -2.87
N PHE A 306 -33.18 18.02 -3.27
CA PHE A 306 -32.84 16.62 -2.98
C PHE A 306 -32.59 16.39 -1.49
N ASN A 307 -32.22 17.44 -0.75
CA ASN A 307 -32.01 17.33 0.69
C ASN A 307 -33.33 16.98 1.39
N GLY A 308 -34.39 17.69 1.00
CA GLY A 308 -35.73 17.50 1.53
C GLY A 308 -36.30 16.16 1.12
N VAL A 309 -36.09 15.76 -0.16
CA VAL A 309 -36.54 14.44 -0.64
C VAL A 309 -35.97 13.32 0.23
N LEU A 310 -34.70 13.43 0.60
CA LEU A 310 -34.06 12.40 1.37
C LEU A 310 -34.30 12.53 2.89
N GLU A 311 -34.82 13.67 3.37
CA GLU A 311 -35.26 13.78 4.77
C GLU A 311 -36.52 12.94 4.92
N VAL A 312 -37.48 13.09 3.96
CA VAL A 312 -38.72 12.32 3.93
C VAL A 312 -38.41 10.81 3.80
N VAL A 313 -37.51 10.41 2.86
CA VAL A 313 -37.11 9.00 2.68
C VAL A 313 -36.53 8.46 4.00
N SER A 314 -35.68 9.25 4.64
CA SER A 314 -35.06 8.86 5.91
C SER A 314 -36.16 8.65 7.00
N ALA A 315 -37.19 9.50 7.04
CA ALA A 315 -38.29 9.36 8.00
C ALA A 315 -39.15 8.13 7.70
N MET A 316 -39.43 7.85 6.43
CA MET A 316 -40.22 6.69 6.02
C MET A 316 -39.44 5.38 6.19
N ASN A 317 -38.12 5.43 6.16
CA ASN A 317 -37.27 4.25 6.35
C ASN A 317 -36.86 4.03 7.82
N SER A 318 -37.21 4.93 8.74
CA SER A 318 -36.89 4.83 10.16
C SER A 318 -37.58 3.62 10.79
N SER A 319 -36.99 3.12 11.89
CA SER A 319 -37.56 1.95 12.59
C SER A 319 -39.03 2.12 12.98
N PRO A 320 -39.47 3.27 13.56
CA PRO A 320 -40.89 3.39 13.93
C PRO A 320 -41.84 3.47 12.74
N VAL A 321 -41.45 4.15 11.65
CA VAL A 321 -42.34 4.33 10.50
C VAL A 321 -42.31 3.17 9.48
N TYR A 322 -41.12 2.71 9.04
CA TYR A 322 -41.04 1.66 7.99
C TYR A 322 -41.92 0.44 8.28
N ARG A 323 -42.02 0.04 9.56
CA ARG A 323 -42.79 -1.11 9.98
C ARG A 323 -44.33 -0.92 10.01
N LEU A 324 -44.84 0.29 9.76
CA LEU A 324 -46.27 0.54 9.78
C LEU A 324 -46.92 0.06 8.49
N ASP A 325 -47.05 -1.27 8.35
CA ASP A 325 -47.63 -1.93 7.18
C ASP A 325 -49.09 -1.62 6.90
N HIS A 326 -49.89 -1.45 7.96
CA HIS A 326 -51.30 -1.13 7.82
C HIS A 326 -51.50 0.28 7.28
N THR A 327 -50.56 1.20 7.58
CA THR A 327 -50.65 2.58 7.12
C THR A 327 -50.28 2.66 5.62
N PHE A 328 -49.16 2.05 5.21
CA PHE A 328 -48.75 2.12 3.81
C PHE A 328 -49.67 1.33 2.88
N GLU A 329 -50.40 0.32 3.39
CA GLU A 329 -51.41 -0.45 2.64
C GLU A 329 -52.46 0.52 2.06
N GLN A 330 -52.96 1.47 2.88
CA GLN A 330 -53.94 2.46 2.46
C GLN A 330 -53.36 3.61 1.61
N ILE A 331 -52.04 3.75 1.47
CA ILE A 331 -51.44 4.82 0.68
C ILE A 331 -51.62 4.50 -0.81
N PRO A 332 -52.21 5.39 -1.64
CA PRO A 332 -52.38 5.04 -3.06
C PRO A 332 -51.11 4.58 -3.77
N SER A 333 -51.23 3.66 -4.72
CA SER A 333 -50.08 3.15 -5.45
C SER A 333 -49.23 4.23 -6.11
N ARG A 334 -49.85 5.31 -6.60
CA ARG A 334 -49.14 6.41 -7.22
C ARG A 334 -48.20 7.06 -6.20
N GLN A 335 -48.66 7.29 -4.95
CA GLN A 335 -47.83 7.85 -3.89
C GLN A 335 -46.79 6.85 -3.41
N LYS A 336 -47.11 5.55 -3.39
CA LYS A 336 -46.14 4.52 -3.01
C LYS A 336 -44.98 4.51 -4.02
N LYS A 337 -45.27 4.50 -5.33
CA LYS A 337 -44.24 4.47 -6.39
C LYS A 337 -43.34 5.71 -6.33
N ILE A 338 -43.91 6.87 -5.99
CA ILE A 338 -43.17 8.11 -5.81
C ILE A 338 -42.16 7.94 -4.67
N LEU A 339 -42.62 7.39 -3.56
CA LEU A 339 -41.78 7.20 -2.37
C LEU A 339 -40.73 6.09 -2.58
N GLU A 340 -41.08 5.02 -3.29
CA GLU A 340 -40.14 3.96 -3.63
C GLU A 340 -39.05 4.46 -4.59
N GLU A 341 -39.38 5.33 -5.55
CA GLU A 341 -38.35 5.88 -6.45
C GLU A 341 -37.43 6.85 -5.72
N ALA A 342 -37.95 7.59 -4.74
CA ALA A 342 -37.13 8.50 -3.94
C ALA A 342 -36.08 7.68 -3.13
N HIS A 343 -36.43 6.47 -2.67
CA HIS A 343 -35.48 5.62 -1.94
C HIS A 343 -34.39 5.13 -2.90
N GLU A 344 -34.78 4.76 -4.12
CA GLU A 344 -33.84 4.27 -5.12
C GLU A 344 -32.77 5.30 -5.52
N LEU A 345 -32.96 6.58 -5.14
CA LEU A 345 -31.94 7.61 -5.30
C LEU A 345 -30.69 7.26 -4.45
N SER A 346 -30.88 6.57 -3.30
CA SER A 346 -29.83 6.19 -2.37
C SER A 346 -29.12 4.87 -2.68
N GLU A 347 -29.75 3.97 -3.44
CA GLU A 347 -29.19 2.67 -3.73
C GLU A 347 -27.96 2.72 -4.62
N ASP A 348 -27.08 1.70 -4.50
CA ASP A 348 -25.83 1.59 -5.26
C ASP A 348 -24.96 2.83 -5.05
N HIS A 349 -24.80 3.24 -3.78
CA HIS A 349 -24.01 4.40 -3.39
C HIS A 349 -24.50 5.68 -4.07
N TYR A 350 -25.81 5.92 -3.99
CA TYR A 350 -26.45 7.12 -4.53
C TYR A 350 -26.19 7.31 -6.03
N LYS A 351 -26.19 6.22 -6.78
CA LYS A 351 -25.97 6.26 -8.23
C LYS A 351 -27.04 7.12 -8.92
N LYS A 352 -28.31 6.85 -8.65
CA LYS A 352 -29.40 7.57 -9.28
C LYS A 352 -29.49 9.03 -8.83
N TYR A 353 -29.28 9.33 -7.51
CA TYR A 353 -29.24 10.72 -7.02
C TYR A 353 -28.20 11.55 -7.81
N LEU A 354 -26.98 11.01 -7.99
CA LEU A 354 -25.91 11.72 -8.69
C LEU A 354 -26.23 11.97 -10.16
N ALA A 355 -26.85 11.01 -10.86
CA ALA A 355 -27.26 11.21 -12.24
C ALA A 355 -28.34 12.30 -12.32
N LYS A 356 -29.26 12.34 -11.36
CA LYS A 356 -30.31 13.36 -11.31
C LYS A 356 -29.72 14.73 -11.04
N LEU A 357 -28.86 14.85 -10.03
CA LEU A 357 -28.23 16.11 -9.66
C LEU A 357 -27.50 16.77 -10.85
N ARG A 358 -26.74 15.98 -11.62
CA ARG A 358 -25.98 16.50 -12.75
C ARG A 358 -26.82 16.76 -14.00
N SER A 359 -28.05 16.22 -14.09
CA SER A 359 -28.93 16.40 -15.24
C SER A 359 -30.01 17.51 -15.04
N ILE A 360 -30.20 18.01 -13.81
CA ILE A 360 -31.19 19.05 -13.54
C ILE A 360 -30.64 20.45 -13.83
N ASN A 361 -31.55 21.41 -14.06
CA ASN A 361 -31.21 22.82 -14.20
C ASN A 361 -31.34 23.46 -12.82
N PRO A 362 -30.58 24.52 -12.53
CA PRO A 362 -30.74 25.19 -11.24
C PRO A 362 -32.08 25.95 -11.10
N PRO A 363 -32.52 26.27 -9.87
CA PRO A 363 -31.84 26.05 -8.61
C PRO A 363 -32.19 24.70 -7.97
N CYS A 364 -31.33 24.26 -7.06
CA CYS A 364 -31.47 23.00 -6.35
C CYS A 364 -30.79 23.06 -4.99
N VAL A 365 -31.18 22.14 -4.10
CA VAL A 365 -30.56 22.00 -2.79
C VAL A 365 -30.02 20.56 -2.78
N PRO A 366 -28.72 20.35 -3.05
CA PRO A 366 -28.20 18.98 -3.05
C PRO A 366 -28.36 18.28 -1.71
N PHE A 367 -28.30 16.95 -1.72
CA PHE A 367 -28.42 16.16 -0.51
C PHE A 367 -27.11 16.28 0.23
N PHE A 368 -27.16 16.85 1.44
CA PHE A 368 -25.95 17.13 2.21
C PHE A 368 -25.29 15.93 2.88
N GLY A 369 -26.08 14.98 3.37
CA GLY A 369 -25.56 13.81 4.06
C GLY A 369 -24.54 12.98 3.31
N ILE A 370 -24.66 12.86 1.96
CA ILE A 370 -23.73 12.07 1.18
C ILE A 370 -22.32 12.68 1.24
N TYR A 371 -22.21 14.04 1.31
CA TYR A 371 -20.91 14.70 1.39
C TYR A 371 -20.28 14.40 2.73
N LEU A 372 -21.05 14.49 3.83
CA LEU A 372 -20.54 14.17 5.16
C LEU A 372 -20.05 12.72 5.22
N THR A 373 -20.84 11.77 4.67
CA THR A 373 -20.49 10.36 4.63
C THR A 373 -19.16 10.10 3.90
N ASN A 374 -19.00 10.66 2.68
CA ASN A 374 -17.82 10.48 1.85
C ASN A 374 -16.60 11.18 2.43
N ILE A 375 -16.80 12.30 3.14
CA ILE A 375 -15.68 13.00 3.76
C ILE A 375 -15.21 12.17 4.96
N LEU A 376 -16.11 11.55 5.73
CA LEU A 376 -15.74 10.69 6.84
C LEU A 376 -15.03 9.44 6.34
N LYS A 377 -15.43 8.89 5.18
CA LYS A 377 -14.76 7.73 4.62
C LYS A 377 -13.35 8.09 4.19
N THR A 378 -13.17 9.25 3.59
CA THR A 378 -11.83 9.73 3.20
C THR A 378 -10.99 9.99 4.47
N GLU A 379 -11.55 10.68 5.46
CA GLU A 379 -10.86 10.99 6.71
C GLU A 379 -10.43 9.72 7.46
N GLU A 380 -11.29 8.69 7.49
CA GLU A 380 -10.98 7.45 8.20
C GLU A 380 -10.16 6.44 7.38
N GLY A 381 -10.23 6.50 6.06
CA GLY A 381 -9.52 5.56 5.19
C GLY A 381 -8.16 6.00 4.71
N ASN A 382 -7.72 7.25 4.99
CA ASN A 382 -6.41 7.73 4.56
C ASN A 382 -5.62 8.18 5.79
N PRO A 383 -4.30 7.88 5.87
CA PRO A 383 -3.56 8.24 7.08
C PRO A 383 -3.24 9.73 7.18
N GLU A 384 -3.18 10.26 8.40
CA GLU A 384 -2.89 11.68 8.61
C GLU A 384 -1.50 12.04 8.09
N VAL A 385 -0.52 11.13 8.24
CA VAL A 385 0.86 11.35 7.79
C VAL A 385 1.38 10.16 6.97
N LEU A 386 2.41 10.39 6.18
CA LEU A 386 3.17 9.39 5.44
C LEU A 386 4.58 9.42 6.03
N LYS A 387 5.15 8.27 6.36
CA LYS A 387 6.50 8.19 6.95
C LYS A 387 7.52 7.78 5.88
N ARG A 388 8.63 8.53 5.78
N ARG A 388 8.63 8.53 5.77
CA ARG A 388 9.70 8.24 4.85
CA ARG A 388 9.69 8.22 4.82
C ARG A 388 11.02 8.42 5.57
C ARG A 388 11.03 8.41 5.54
N HIS A 389 11.78 7.31 5.74
CA HIS A 389 13.08 7.31 6.44
C HIS A 389 12.98 7.78 7.90
N GLY A 390 11.91 7.38 8.59
CA GLY A 390 11.68 7.72 9.99
C GLY A 390 11.09 9.09 10.24
N LYS A 391 10.86 9.90 9.20
CA LYS A 391 10.30 11.23 9.36
C LYS A 391 8.82 11.25 8.95
N GLU A 392 7.98 12.02 9.68
CA GLU A 392 6.54 12.15 9.37
C GLU A 392 6.29 13.33 8.43
N LEU A 393 5.54 13.08 7.35
CA LEU A 393 5.19 14.10 6.38
C LEU A 393 3.70 14.19 6.36
N ILE A 394 3.13 15.41 6.35
CA ILE A 394 1.68 15.58 6.32
C ILE A 394 1.14 15.03 5.00
N ASN A 395 0.20 14.06 5.04
CA ASN A 395 -0.41 13.49 3.84
C ASN A 395 -1.26 14.58 3.22
N PHE A 396 -0.75 15.29 2.20
CA PHE A 396 -1.48 16.40 1.60
C PHE A 396 -2.54 15.90 0.63
N SER A 397 -2.25 14.86 -0.17
CA SER A 397 -3.25 14.27 -1.07
C SER A 397 -4.52 13.83 -0.35
N LYS A 398 -4.43 13.49 0.97
CA LYS A 398 -5.63 13.19 1.78
C LYS A 398 -6.49 14.45 1.84
N ARG A 399 -5.87 15.61 2.20
CA ARG A 399 -6.55 16.90 2.29
C ARG A 399 -7.10 17.33 0.92
N ARG A 400 -6.36 17.09 -0.16
CA ARG A 400 -6.82 17.45 -1.49
C ARG A 400 -8.09 16.66 -1.86
N LYS A 401 -8.17 15.37 -1.52
CA LYS A 401 -9.38 14.57 -1.84
C LYS A 401 -10.59 15.11 -1.06
N VAL A 402 -10.42 15.48 0.22
CA VAL A 402 -11.51 16.08 1.00
C VAL A 402 -11.91 17.43 0.39
N ALA A 403 -10.93 18.24 -0.01
CA ALA A 403 -11.13 19.54 -0.65
C ALA A 403 -11.87 19.43 -1.99
N GLU A 404 -11.67 18.33 -2.72
CA GLU A 404 -12.35 18.10 -3.99
C GLU A 404 -13.83 17.83 -3.74
N ILE A 405 -14.14 17.04 -2.68
CA ILE A 405 -15.52 16.76 -2.29
C ILE A 405 -16.21 18.05 -1.85
N THR A 406 -15.56 18.88 -1.00
CA THR A 406 -16.15 20.16 -0.60
C THR A 406 -16.29 21.14 -1.80
N GLY A 407 -15.47 20.96 -2.84
CA GLY A 407 -15.57 21.72 -4.07
C GLY A 407 -16.86 21.37 -4.80
N GLU A 408 -17.32 20.10 -4.70
CA GLU A 408 -18.60 19.65 -5.28
C GLU A 408 -19.77 20.30 -4.56
N ILE A 409 -19.62 20.59 -3.25
CA ILE A 409 -20.64 21.28 -2.48
C ILE A 409 -20.80 22.70 -3.04
N GLN A 410 -19.67 23.41 -3.20
CA GLN A 410 -19.62 24.80 -3.63
C GLN A 410 -20.26 25.04 -4.99
N GLN A 411 -20.10 24.14 -5.97
CA GLN A 411 -20.65 24.40 -7.31
C GLN A 411 -22.19 24.61 -7.32
N TYR A 412 -22.89 24.30 -6.21
CA TYR A 412 -24.33 24.48 -6.07
C TYR A 412 -24.72 25.54 -5.01
N GLN A 413 -23.74 26.28 -4.43
CA GLN A 413 -24.04 27.29 -3.42
C GLN A 413 -24.39 28.70 -3.97
N ASN A 414 -24.62 28.86 -5.29
CA ASN A 414 -25.02 30.16 -5.86
C ASN A 414 -26.27 29.91 -6.71
N GLN A 415 -27.31 29.36 -6.08
CA GLN A 415 -28.56 29.00 -6.74
C GLN A 415 -29.79 29.46 -5.93
N PRO A 416 -30.02 30.77 -5.86
CA PRO A 416 -31.19 31.26 -5.12
C PRO A 416 -32.52 30.84 -5.73
N TYR A 417 -33.54 30.66 -4.88
CA TYR A 417 -34.86 30.27 -5.34
C TYR A 417 -35.77 31.48 -5.53
N CYS A 418 -36.55 31.49 -6.64
CA CYS A 418 -37.52 32.54 -6.91
C CYS A 418 -38.80 32.15 -6.14
N LEU A 419 -38.73 32.23 -4.79
CA LEU A 419 -39.82 31.90 -3.89
C LEU A 419 -39.89 32.94 -2.79
N ARG A 420 -41.10 33.42 -2.49
CA ARG A 420 -41.30 34.42 -1.45
C ARG A 420 -41.20 33.79 -0.06
N VAL A 421 -40.41 34.43 0.83
CA VAL A 421 -40.27 34.00 2.22
C VAL A 421 -41.56 34.38 2.97
N GLU A 422 -41.98 33.52 3.89
CA GLU A 422 -43.14 33.75 4.74
C GLU A 422 -42.53 33.58 6.13
N SER A 423 -42.22 34.71 6.78
CA SER A 423 -41.53 34.74 8.07
C SER A 423 -42.15 33.90 9.18
N ASP A 424 -43.49 33.79 9.26
CA ASP A 424 -44.12 33.00 10.32
C ASP A 424 -43.90 31.51 10.08
N ILE A 425 -44.05 31.04 8.82
CA ILE A 425 -43.86 29.63 8.48
C ILE A 425 -42.37 29.29 8.60
N LYS A 426 -41.49 30.22 8.18
CA LYS A 426 -40.03 30.09 8.30
C LYS A 426 -39.64 29.90 9.76
N ARG A 427 -40.22 30.71 10.66
CA ARG A 427 -39.94 30.65 12.09
C ARG A 427 -40.49 29.35 12.69
N PHE A 428 -41.62 28.82 12.17
CA PHE A 428 -42.19 27.58 12.67
C PHE A 428 -41.21 26.43 12.43
N PHE A 429 -40.65 26.34 11.20
CA PHE A 429 -39.73 25.27 10.85
C PHE A 429 -38.35 25.46 11.49
N GLU A 430 -37.92 26.69 11.75
CA GLU A 430 -36.64 26.95 12.43
C GLU A 430 -36.73 26.54 13.91
N ASN A 431 -37.89 26.76 14.55
CA ASN A 431 -38.07 26.44 15.97
C ASN A 431 -38.63 25.04 16.23
N LEU A 432 -38.55 24.10 15.26
CA LEU A 432 -39.05 22.73 15.47
C LEU A 432 -38.20 22.06 16.52
N ASN A 433 -38.85 21.45 17.52
CA ASN A 433 -38.13 20.77 18.58
C ASN A 433 -38.88 19.49 18.93
N PRO A 434 -38.91 18.50 18.02
CA PRO A 434 -39.65 17.26 18.31
C PRO A 434 -39.17 16.51 19.54
N MET A 435 -37.85 16.46 19.79
CA MET A 435 -37.30 15.75 20.94
C MET A 435 -37.65 16.40 22.27
N GLY A 436 -37.86 17.72 22.29
CA GLY A 436 -38.14 18.43 23.53
C GLY A 436 -36.94 18.39 24.45
N ASN A 437 -37.11 17.87 25.67
CA ASN A 437 -35.99 17.73 26.61
C ASN A 437 -35.34 16.33 26.54
N SER A 438 -35.87 15.39 25.71
CA SER A 438 -35.30 14.07 25.54
C SER A 438 -34.07 14.14 24.63
N MET A 439 -33.15 13.17 24.76
CA MET A 439 -32.00 13.03 23.89
C MET A 439 -32.48 12.27 22.63
N GLU A 440 -31.68 12.28 21.53
CA GLU A 440 -32.10 11.61 20.30
C GLU A 440 -32.35 10.11 20.46
N LYS A 441 -31.39 9.36 21.07
CA LYS A 441 -31.56 7.92 21.29
C LYS A 441 -32.83 7.62 22.09
N GLU A 442 -33.03 8.31 23.22
CA GLU A 442 -34.21 8.09 24.06
C GLU A 442 -35.51 8.49 23.33
N PHE A 443 -35.47 9.55 22.51
CA PHE A 443 -36.63 9.94 21.73
C PHE A 443 -36.98 8.92 20.65
N THR A 444 -35.98 8.37 19.96
CA THR A 444 -36.21 7.37 18.91
C THR A 444 -36.67 6.04 19.53
N ASP A 445 -36.24 5.72 20.78
CA ASP A 445 -36.75 4.56 21.53
C ASP A 445 -38.24 4.79 21.80
N TYR A 446 -38.61 6.03 22.18
CA TYR A 446 -40.00 6.40 22.42
C TYR A 446 -40.82 6.25 21.12
N LEU A 447 -40.33 6.78 19.98
CA LEU A 447 -41.07 6.69 18.72
C LEU A 447 -41.32 5.22 18.32
N PHE A 448 -40.33 4.34 18.56
CA PHE A 448 -40.45 2.92 18.24
C PHE A 448 -41.41 2.22 19.21
N ASN A 449 -41.36 2.57 20.50
CA ASN A 449 -42.32 2.02 21.46
C ASN A 449 -43.75 2.53 21.15
N LYS A 450 -43.89 3.72 20.56
CA LYS A 450 -45.17 4.27 20.14
C LYS A 450 -45.65 3.55 18.87
N SER A 451 -44.72 3.21 17.95
CA SER A 451 -45.03 2.45 16.74
C SER A 451 -45.59 1.06 17.11
N LEU A 452 -44.99 0.38 18.10
CA LEU A 452 -45.49 -0.93 18.57
C LEU A 452 -46.89 -0.78 19.23
N GLU A 453 -47.16 0.36 19.86
CA GLU A 453 -48.45 0.62 20.49
C GLU A 453 -49.53 0.77 19.41
N ILE A 454 -49.34 1.66 18.43
CA ILE A 454 -50.35 1.95 17.39
C ILE A 454 -50.55 0.80 16.37
N GLU A 455 -49.55 -0.05 16.15
CA GLU A 455 -49.66 -1.20 15.25
C GLU A 455 -48.88 -2.35 15.89
N PRO A 456 -49.48 -3.11 16.81
CA PRO A 456 -48.72 -4.19 17.49
C PRO A 456 -48.22 -5.29 16.56
N ARG A 457 -47.17 -6.03 16.99
CA ARG A 457 -46.61 -7.12 16.18
C ARG A 457 -47.65 -8.23 15.86
N ASN A 458 -47.60 -8.77 14.61
CA ASN A 458 -48.50 -9.74 13.97
C ASN A 458 -49.39 -10.64 14.91
N PRO A 459 -48.85 -11.49 15.83
CA PRO A 459 -49.74 -12.34 16.65
C PRO A 459 -50.77 -11.53 17.43
N LYS A 460 -50.37 -10.35 17.93
CA LYS A 460 -51.24 -9.46 18.66
C LYS A 460 -52.16 -8.73 17.66
N PRO A 461 -53.49 -8.60 17.91
CA PRO A 461 -54.34 -7.89 16.93
C PRO A 461 -54.19 -6.36 16.96
N LEU A 462 -54.81 -5.66 15.96
CA LEU A 462 -54.74 -4.19 15.75
C LEU A 462 -55.90 -3.44 16.42
N PRO A 463 -55.69 -2.80 17.60
CA PRO A 463 -56.79 -2.05 18.22
C PRO A 463 -57.09 -0.73 17.53
N ARG A 464 -58.32 -0.23 17.74
CA ARG A 464 -58.76 1.06 17.18
C ARG A 464 -58.35 2.18 18.14
N PHE A 465 -58.16 3.40 17.62
CA PHE A 465 -57.76 4.54 18.44
C PHE A 465 -58.59 5.77 18.08
N PRO A 466 -58.87 6.66 19.07
CA PRO A 466 -59.70 7.84 18.78
C PRO A 466 -59.04 8.92 17.92
N LYS A 467 -59.86 9.64 17.14
CA LYS A 467 -59.36 10.72 16.31
C LYS A 467 -58.85 11.90 17.17
N LYS A 468 -57.77 12.58 16.72
CA LYS A 468 -57.18 13.75 17.39
C LYS A 468 -57.30 15.05 16.57
N TYR A 469 -57.72 14.99 15.29
CA TYR A 469 -57.82 16.20 14.47
C TYR A 469 -59.28 16.62 14.25
N SER A 470 -59.67 17.80 14.76
CA SER A 470 -61.04 18.30 14.62
C SER A 470 -61.30 18.79 13.19
N TYR A 471 -60.31 19.42 12.58
CA TYR A 471 -60.38 19.94 11.21
C TYR A 471 -60.36 18.83 10.12
N PRO A 472 -60.67 19.12 8.82
CA PRO A 472 -60.67 18.06 7.81
C PRO A 472 -59.28 17.59 7.43
N LEU A 473 -59.20 16.33 7.01
CA LEU A 473 -57.94 15.69 6.64
C LEU A 473 -57.64 15.69 5.15
N LYS A 474 -58.63 16.03 4.29
CA LYS A 474 -58.43 16.03 2.85
C LYS A 474 -57.36 17.04 2.48
N SER A 475 -56.46 16.62 1.59
CA SER A 475 -55.38 17.48 1.16
C SER A 475 -55.85 18.43 0.09
N PRO A 476 -55.33 19.66 0.09
CA PRO A 476 -55.65 20.57 -1.01
C PRO A 476 -54.91 20.24 -2.32
N GLY A 477 -53.93 19.32 -2.28
CA GLY A 477 -53.16 18.88 -3.44
C GLY A 477 -51.83 19.60 -3.63
N VAL A 478 -51.07 19.19 -4.66
CA VAL A 478 -49.75 19.74 -4.97
C VAL A 478 -49.77 20.66 -6.22
N ARG A 479 -50.91 20.79 -6.94
CA ARG A 479 -50.97 21.70 -8.08
C ARG A 479 -51.17 23.11 -7.48
N PRO A 480 -50.33 24.12 -7.80
CA PRO A 480 -50.52 25.45 -7.21
C PRO A 480 -51.87 26.09 -7.57
N GLU B 3 61.00 -32.27 2.04
CA GLU B 3 61.87 -31.97 0.90
C GLU B 3 61.13 -32.18 -0.45
N GLN B 4 61.39 -31.25 -1.37
CA GLN B 4 60.91 -31.30 -2.74
C GLN B 4 61.55 -32.47 -3.53
N MET B 5 62.73 -32.98 -3.10
CA MET B 5 63.38 -34.11 -3.76
C MET B 5 62.63 -35.41 -3.46
N ARG B 6 62.03 -35.55 -2.26
CA ARG B 6 61.21 -36.74 -1.92
C ARG B 6 59.94 -36.75 -2.77
N LEU B 7 59.37 -35.58 -3.10
CA LEU B 7 58.17 -35.48 -3.95
C LEU B 7 58.47 -35.76 -5.43
N PRO B 8 57.47 -36.18 -6.24
CA PRO B 8 57.75 -36.43 -7.66
C PRO B 8 58.06 -35.17 -8.46
N SER B 9 58.72 -35.36 -9.60
CA SER B 9 59.08 -34.24 -10.46
C SER B 9 57.85 -33.70 -11.21
N ALA B 10 57.95 -32.42 -11.60
CA ALA B 10 56.91 -31.71 -12.36
C ALA B 10 56.75 -32.30 -13.78
N ASP B 11 57.78 -32.95 -14.34
CA ASP B 11 57.69 -33.57 -15.66
C ASP B 11 56.89 -34.91 -15.64
N VAL B 12 56.56 -35.45 -14.45
CA VAL B 12 55.77 -36.68 -14.32
C VAL B 12 54.49 -36.46 -13.48
N TYR B 13 54.42 -35.39 -12.66
CA TYR B 13 53.28 -35.17 -11.77
C TYR B 13 53.06 -33.68 -11.56
N ARG B 14 51.87 -33.19 -11.89
CA ARG B 14 51.58 -31.76 -11.81
C ARG B 14 51.24 -31.21 -10.43
N PHE B 15 50.87 -32.06 -9.48
CA PHE B 15 50.45 -31.60 -8.15
C PHE B 15 51.57 -31.50 -7.14
N ALA B 16 52.84 -31.62 -7.56
CA ALA B 16 53.95 -31.55 -6.61
C ALA B 16 54.77 -30.27 -6.70
N GLU B 17 54.48 -29.34 -7.64
CA GLU B 17 55.15 -28.03 -7.71
C GLU B 17 55.08 -27.32 -6.33
N PRO B 18 56.14 -26.65 -5.82
CA PRO B 18 56.00 -26.00 -4.50
C PRO B 18 55.03 -24.82 -4.51
N ASP B 19 54.51 -24.49 -3.34
CA ASP B 19 53.65 -23.31 -3.20
C ASP B 19 54.50 -22.06 -3.45
N SER B 20 53.85 -21.02 -3.97
CA SER B 20 54.47 -19.73 -4.22
C SER B 20 53.39 -18.63 -4.26
N GLU B 21 53.81 -17.36 -4.26
CA GLU B 21 52.86 -16.25 -4.33
C GLU B 21 52.19 -16.10 -5.71
N GLU B 22 52.47 -17.01 -6.68
CA GLU B 22 51.86 -16.96 -8.02
C GLU B 22 50.99 -18.21 -8.32
N ASN B 23 50.79 -19.11 -7.34
CA ASN B 23 49.93 -20.26 -7.54
C ASN B 23 48.92 -20.45 -6.40
N ILE B 24 49.16 -19.91 -5.18
CA ILE B 24 48.20 -20.03 -4.07
C ILE B 24 48.32 -18.85 -3.09
N ILE B 25 47.17 -18.35 -2.60
CA ILE B 25 47.10 -17.28 -1.60
C ILE B 25 46.23 -17.81 -0.45
N PHE B 26 46.56 -17.41 0.78
CA PHE B 26 45.81 -17.77 1.98
C PHE B 26 45.21 -16.52 2.62
N GLU B 27 44.19 -16.68 3.49
CA GLU B 27 43.54 -15.54 4.15
C GLU B 27 44.34 -15.09 5.38
N GLY B 35 44.78 -23.96 12.90
CA GLY B 35 45.62 -25.08 12.47
C GLY B 35 45.67 -25.28 10.97
N ILE B 36 44.50 -25.26 10.31
CA ILE B 36 44.39 -25.42 8.86
C ILE B 36 44.33 -24.02 8.23
N PRO B 37 45.18 -23.69 7.23
CA PRO B 37 45.10 -22.35 6.60
C PRO B 37 43.93 -22.25 5.62
N ILE B 38 43.16 -21.13 5.66
CA ILE B 38 42.02 -20.94 4.75
C ILE B 38 42.53 -20.42 3.39
N ILE B 39 42.17 -21.10 2.30
CA ILE B 39 42.62 -20.71 0.95
C ILE B 39 41.82 -19.50 0.42
N LYS B 40 42.51 -18.41 0.03
CA LYS B 40 41.91 -17.22 -0.57
C LYS B 40 41.81 -17.38 -2.09
N ALA B 41 42.87 -17.92 -2.71
CA ALA B 41 42.92 -18.07 -4.16
C ALA B 41 43.98 -19.12 -4.58
N GLY B 42 43.92 -19.59 -5.81
CA GLY B 42 44.88 -20.53 -6.33
C GLY B 42 44.55 -21.02 -7.71
N THR B 43 45.50 -21.62 -8.40
CA THR B 43 45.25 -22.23 -9.71
C THR B 43 44.35 -23.47 -9.46
N VAL B 44 43.68 -24.04 -10.50
CA VAL B 44 42.85 -25.22 -10.24
C VAL B 44 43.70 -26.38 -9.71
N ILE B 45 44.96 -26.51 -10.20
CA ILE B 45 45.89 -27.56 -9.75
C ILE B 45 46.20 -27.45 -8.25
N LYS B 46 46.43 -26.23 -7.76
CA LYS B 46 46.71 -26.01 -6.35
C LYS B 46 45.44 -26.26 -5.51
N LEU B 47 44.24 -25.91 -6.05
CA LEU B 47 42.98 -26.13 -5.34
C LEU B 47 42.72 -27.63 -5.20
N ILE B 48 42.93 -28.41 -6.28
CA ILE B 48 42.77 -29.87 -6.26
C ILE B 48 43.77 -30.47 -5.25
N GLU B 49 45.02 -29.97 -5.25
CA GLU B 49 46.06 -30.42 -4.35
C GLU B 49 45.68 -30.24 -2.89
N ARG B 50 45.18 -29.07 -2.51
CA ARG B 50 44.78 -28.83 -1.12
C ARG B 50 43.43 -29.51 -0.77
N LEU B 51 42.62 -29.82 -1.79
CA LEU B 51 41.38 -30.58 -1.64
C LEU B 51 41.73 -32.01 -1.21
N THR B 52 42.84 -32.56 -1.75
CA THR B 52 43.29 -33.90 -1.46
C THR B 52 44.69 -33.85 -0.82
N TYR B 53 44.90 -32.94 0.16
CA TYR B 53 46.20 -32.75 0.81
C TYR B 53 46.60 -33.95 1.62
N HIS B 54 47.91 -34.26 1.64
CA HIS B 54 48.48 -35.42 2.35
C HIS B 54 48.62 -35.20 3.84
N MET B 55 48.89 -33.97 4.28
CA MET B 55 49.10 -33.66 5.68
C MET B 55 47.84 -33.75 6.52
N TYR B 56 46.67 -33.43 5.95
CA TYR B 56 45.44 -33.43 6.72
C TYR B 56 44.18 -33.39 5.85
N ALA B 57 43.03 -33.77 6.45
CA ALA B 57 41.72 -33.72 5.81
C ALA B 57 41.17 -32.29 6.00
N ASP B 58 40.29 -31.84 5.11
CA ASP B 58 39.72 -30.51 5.19
C ASP B 58 38.24 -30.60 4.80
N PRO B 59 37.37 -31.06 5.73
CA PRO B 59 35.94 -31.19 5.38
C PRO B 59 35.26 -29.90 4.91
N ASN B 60 35.64 -28.74 5.47
CA ASN B 60 35.05 -27.46 5.08
C ASN B 60 35.43 -27.13 3.64
N PHE B 61 36.71 -27.28 3.28
CA PHE B 61 37.15 -26.97 1.93
C PHE B 61 36.57 -27.96 0.92
N VAL B 62 36.41 -29.24 1.30
CA VAL B 62 35.79 -30.23 0.41
C VAL B 62 34.32 -29.87 0.11
N ARG B 63 33.59 -29.47 1.16
CA ARG B 63 32.19 -29.09 1.07
C ARG B 63 32.03 -27.88 0.14
N THR B 64 32.79 -26.79 0.42
CA THR B 64 32.74 -25.54 -0.35
C THR B 64 33.16 -25.78 -1.81
N PHE B 65 34.23 -26.53 -2.02
CA PHE B 65 34.73 -26.83 -3.36
C PHE B 65 33.67 -27.57 -4.19
N LEU B 66 33.04 -28.60 -3.61
CA LEU B 66 32.07 -29.39 -4.36
C LEU B 66 30.73 -28.65 -4.59
N THR B 67 30.46 -27.57 -3.84
CA THR B 67 29.29 -26.71 -4.04
C THR B 67 29.56 -25.68 -5.14
N THR B 68 30.79 -25.12 -5.16
CA THR B 68 31.15 -24.00 -6.02
C THR B 68 32.10 -24.28 -7.20
N TYR B 69 32.64 -25.51 -7.35
CA TYR B 69 33.63 -25.77 -8.41
C TYR B 69 33.13 -25.51 -9.81
N ARG B 70 31.83 -25.72 -10.07
CA ARG B 70 31.28 -25.56 -11.42
C ARG B 70 31.41 -24.13 -11.95
N SER B 71 31.70 -23.13 -11.09
CA SER B 71 31.91 -21.75 -11.50
C SER B 71 33.31 -21.49 -12.10
N PHE B 72 34.26 -22.44 -11.95
CA PHE B 72 35.61 -22.34 -12.51
C PHE B 72 36.09 -23.63 -13.18
N CYS B 73 35.35 -24.74 -13.08
CA CYS B 73 35.80 -26.03 -13.54
C CYS B 73 34.60 -26.89 -13.97
N LYS B 74 34.70 -27.62 -15.10
CA LYS B 74 33.60 -28.47 -15.55
C LYS B 74 33.61 -29.80 -14.80
N PRO B 75 32.47 -30.49 -14.59
CA PRO B 75 32.50 -31.79 -13.91
C PRO B 75 33.42 -32.83 -14.54
N GLN B 76 33.48 -32.89 -15.89
CA GLN B 76 34.36 -33.86 -16.58
C GLN B 76 35.82 -33.54 -16.29
N GLU B 77 36.18 -32.26 -16.25
CA GLU B 77 37.51 -31.78 -15.93
C GLU B 77 37.90 -32.08 -14.48
N LEU B 78 36.99 -31.92 -13.52
CA LEU B 78 37.26 -32.23 -12.11
C LEU B 78 37.56 -33.70 -11.96
N LEU B 79 36.78 -34.57 -12.64
CA LEU B 79 37.01 -36.01 -12.57
C LEU B 79 38.39 -36.37 -13.11
N SER B 80 38.77 -35.80 -14.28
CA SER B 80 40.11 -36.02 -14.84
C SER B 80 41.21 -35.58 -13.88
N LEU B 81 41.06 -34.41 -13.25
CA LEU B 81 42.06 -33.88 -12.33
C LEU B 81 42.26 -34.74 -11.06
N ILE B 82 41.17 -35.22 -10.43
CA ILE B 82 41.31 -36.05 -9.22
C ILE B 82 41.86 -37.44 -9.57
N ILE B 83 41.62 -37.93 -10.80
CA ILE B 83 42.19 -39.21 -11.25
C ILE B 83 43.69 -39.05 -11.47
N GLU B 84 44.09 -37.93 -12.11
CA GLU B 84 45.48 -37.57 -12.36
C GLU B 84 46.20 -37.39 -11.01
N ARG B 85 45.53 -36.79 -10.02
CA ARG B 85 46.04 -36.59 -8.67
C ARG B 85 46.32 -37.96 -7.99
N PHE B 86 45.43 -38.93 -8.20
CA PHE B 86 45.50 -40.27 -7.61
C PHE B 86 46.68 -41.07 -8.15
N GLU B 87 46.98 -40.91 -9.45
CA GLU B 87 48.04 -41.65 -10.11
C GLU B 87 49.41 -41.06 -9.81
N ILE B 88 49.93 -41.30 -8.60
CA ILE B 88 51.20 -40.74 -8.14
C ILE B 88 52.38 -41.64 -8.53
N PRO B 89 53.42 -41.11 -9.22
CA PRO B 89 54.59 -41.97 -9.53
C PRO B 89 55.39 -42.29 -8.28
N GLU B 90 55.82 -43.54 -8.14
CA GLU B 90 56.64 -43.98 -7.01
C GLU B 90 58.09 -43.67 -7.36
N PRO B 91 58.97 -43.38 -6.37
CA PRO B 91 60.37 -43.10 -6.72
C PRO B 91 61.12 -44.33 -7.21
N GLU B 92 62.19 -44.10 -7.96
CA GLU B 92 63.05 -45.19 -8.43
C GLU B 92 63.79 -45.78 -7.21
N PRO B 93 64.21 -47.06 -7.27
CA PRO B 93 64.98 -47.62 -6.16
C PRO B 93 66.33 -46.93 -6.01
N THR B 94 66.88 -46.90 -4.80
CA THR B 94 68.20 -46.30 -4.57
C THR B 94 69.27 -47.13 -5.30
N GLU B 95 70.53 -46.66 -5.33
CA GLU B 95 71.60 -47.38 -5.99
C GLU B 95 71.82 -48.74 -5.34
N ALA B 96 71.85 -48.80 -3.99
CA ALA B 96 72.02 -50.07 -3.28
C ALA B 96 70.89 -51.05 -3.60
N ASP B 97 69.63 -50.56 -3.63
CA ASP B 97 68.45 -51.36 -3.94
C ASP B 97 68.42 -51.83 -5.38
N ARG B 98 68.93 -51.03 -6.32
CA ARG B 98 69.05 -51.43 -7.71
C ARG B 98 69.98 -52.66 -7.81
N ILE B 99 71.11 -52.63 -7.06
CA ILE B 99 72.06 -53.73 -6.99
C ILE B 99 71.39 -54.95 -6.34
N ALA B 100 70.64 -54.74 -5.26
CA ALA B 100 69.91 -55.80 -4.58
C ALA B 100 68.91 -56.51 -5.54
N ILE B 101 68.07 -55.73 -6.26
CA ILE B 101 67.07 -56.26 -7.19
C ILE B 101 67.76 -57.03 -8.31
N GLU B 102 68.87 -56.50 -8.87
CA GLU B 102 69.61 -57.16 -9.96
C GLU B 102 70.29 -58.48 -9.54
N ASN B 103 70.45 -58.70 -8.23
CA ASN B 103 71.00 -59.92 -7.68
C ASN B 103 69.88 -60.90 -7.20
N GLY B 104 68.62 -60.65 -7.58
CA GLY B 104 67.49 -61.48 -7.18
C GLY B 104 67.11 -61.37 -5.71
N ASP B 105 67.54 -60.29 -5.02
CA ASP B 105 67.26 -60.09 -3.60
C ASP B 105 66.21 -59.02 -3.35
N GLN B 106 65.62 -59.05 -2.14
CA GLN B 106 64.61 -58.05 -1.76
C GLN B 106 65.29 -56.72 -1.43
N PRO B 107 64.87 -55.62 -2.09
CA PRO B 107 65.44 -54.31 -1.73
C PRO B 107 64.94 -53.85 -0.36
N LEU B 108 65.65 -52.89 0.24
CA LEU B 108 65.23 -52.33 1.52
C LEU B 108 64.02 -51.42 1.27
N SER B 109 64.07 -50.59 0.21
CA SER B 109 62.97 -49.72 -0.22
C SER B 109 62.46 -48.85 0.93
N ALA B 110 63.37 -48.28 1.74
CA ALA B 110 62.98 -47.47 2.89
C ALA B 110 62.25 -46.19 2.47
N GLU B 111 62.78 -45.44 1.50
CA GLU B 111 62.14 -44.21 1.04
C GLU B 111 60.87 -44.51 0.30
N LEU B 112 60.88 -45.54 -0.57
CA LEU B 112 59.68 -45.94 -1.29
C LEU B 112 58.51 -46.26 -0.31
N LYS B 113 58.75 -47.07 0.72
CA LYS B 113 57.71 -47.39 1.72
C LYS B 113 57.24 -46.14 2.47
N ARG B 114 58.17 -45.24 2.80
CA ARG B 114 57.85 -43.99 3.51
C ARG B 114 56.96 -43.12 2.58
N PHE B 115 57.36 -42.89 1.33
CA PHE B 115 56.57 -42.13 0.36
C PHE B 115 55.16 -42.72 0.16
N ARG B 116 55.04 -44.05 0.14
CA ARG B 116 53.74 -44.70 0.03
C ARG B 116 52.88 -44.46 1.28
N LYS B 117 53.44 -44.65 2.47
CA LYS B 117 52.70 -44.51 3.73
C LYS B 117 52.32 -43.08 4.05
N GLU B 118 53.26 -42.14 3.84
CA GLU B 118 53.07 -40.74 4.21
C GLU B 118 52.60 -39.81 3.10
N TYR B 119 52.58 -40.26 1.83
CA TYR B 119 52.10 -39.41 0.75
C TYR B 119 51.09 -40.12 -0.19
N ILE B 120 51.46 -41.25 -0.83
CA ILE B 120 50.55 -41.90 -1.79
C ILE B 120 49.26 -42.34 -1.12
N GLN B 121 49.35 -43.07 0.01
CA GLN B 121 48.15 -43.58 0.67
C GLN B 121 47.25 -42.43 1.17
N PRO B 122 47.74 -41.43 1.93
CA PRO B 122 46.86 -40.31 2.30
C PRO B 122 46.18 -39.62 1.12
N VAL B 123 46.93 -39.24 0.06
CA VAL B 123 46.36 -38.54 -1.12
C VAL B 123 45.33 -39.42 -1.79
N GLN B 124 45.65 -40.69 -2.06
CA GLN B 124 44.70 -41.59 -2.71
C GLN B 124 43.39 -41.78 -1.89
N LEU B 125 43.47 -41.82 -0.53
CA LEU B 125 42.29 -41.90 0.33
C LEU B 125 41.55 -40.54 0.34
N ARG B 126 42.27 -39.42 0.21
CA ARG B 126 41.65 -38.10 0.15
C ARG B 126 40.90 -37.92 -1.17
N VAL B 127 41.42 -38.48 -2.28
CA VAL B 127 40.75 -38.46 -3.59
C VAL B 127 39.46 -39.27 -3.51
N LEU B 128 39.50 -40.42 -2.85
CA LEU B 128 38.30 -41.25 -2.69
C LEU B 128 37.26 -40.59 -1.80
N ASN B 129 37.68 -39.75 -0.85
CA ASN B 129 36.79 -39.00 0.02
C ASN B 129 36.06 -37.92 -0.78
N VAL B 130 36.74 -37.29 -1.75
CA VAL B 130 36.12 -36.31 -2.64
C VAL B 130 35.07 -37.04 -3.47
N CYS B 131 35.43 -38.20 -4.05
CA CYS B 131 34.49 -39.05 -4.80
C CYS B 131 33.24 -39.38 -3.98
N ARG B 132 33.42 -39.71 -2.69
CA ARG B 132 32.32 -40.06 -1.79
C ARG B 132 31.42 -38.85 -1.51
N HIS B 133 32.01 -37.69 -1.22
CA HIS B 133 31.23 -36.46 -0.97
C HIS B 133 30.55 -35.98 -2.28
N TRP B 134 31.18 -36.22 -3.44
CA TRP B 134 30.65 -35.84 -4.75
C TRP B 134 29.35 -36.61 -5.04
N VAL B 135 29.33 -37.92 -4.90
CA VAL B 135 28.14 -38.73 -5.18
C VAL B 135 27.05 -38.60 -4.08
N GLU B 136 27.44 -38.36 -2.83
CA GLU B 136 26.52 -38.23 -1.71
C GLU B 136 25.78 -36.91 -1.74
N HIS B 137 26.48 -35.77 -1.93
CA HIS B 137 25.84 -34.46 -1.87
C HIS B 137 25.64 -33.76 -3.21
N HIS B 138 26.10 -34.35 -4.32
CA HIS B 138 25.97 -33.73 -5.64
C HIS B 138 25.76 -34.77 -6.74
N PHE B 139 24.95 -35.80 -6.48
CA PHE B 139 24.69 -36.85 -7.47
C PHE B 139 24.04 -36.32 -8.77
N TYR B 140 23.41 -35.13 -8.72
CA TYR B 140 22.82 -34.53 -9.91
C TYR B 140 23.85 -34.32 -11.02
N ASP B 141 25.14 -34.14 -10.71
CA ASP B 141 26.18 -34.01 -11.76
C ASP B 141 26.23 -35.27 -12.63
N PHE B 142 26.04 -36.44 -11.99
CA PHE B 142 26.08 -37.76 -12.62
C PHE B 142 24.76 -38.10 -13.31
N GLU B 143 23.63 -37.57 -12.83
CA GLU B 143 22.34 -37.78 -13.49
C GLU B 143 22.30 -36.95 -14.77
N ARG B 144 22.81 -35.71 -14.71
CA ARG B 144 22.87 -34.81 -15.87
C ARG B 144 23.89 -35.30 -16.92
N ASP B 145 24.89 -36.12 -16.52
CA ASP B 145 25.91 -36.64 -17.42
C ASP B 145 26.14 -38.13 -17.17
N ALA B 146 25.53 -38.99 -17.98
CA ALA B 146 25.69 -40.45 -17.82
C ALA B 146 27.14 -40.89 -18.04
N TYR B 147 27.85 -40.19 -18.93
CA TYR B 147 29.25 -40.50 -19.24
C TYR B 147 30.17 -40.21 -18.02
N LEU B 148 29.85 -39.18 -17.23
CA LEU B 148 30.60 -38.86 -16.01
C LEU B 148 30.50 -40.01 -15.01
N LEU B 149 29.32 -40.63 -14.90
CA LEU B 149 29.09 -41.77 -14.02
C LEU B 149 29.80 -43.00 -14.52
N GLN B 150 29.79 -43.25 -15.84
CA GLN B 150 30.55 -44.36 -16.42
C GLN B 150 32.05 -44.24 -16.05
N ARG B 151 32.62 -43.05 -16.21
CA ARG B 151 34.01 -42.79 -15.88
C ARG B 151 34.30 -42.95 -14.38
N MET B 152 33.38 -42.49 -13.50
CA MET B 152 33.57 -42.60 -12.06
C MET B 152 33.53 -44.07 -11.65
N GLU B 153 32.56 -44.84 -12.16
CA GLU B 153 32.42 -46.25 -11.82
C GLU B 153 33.57 -47.10 -12.39
N GLU B 154 34.17 -46.68 -13.54
CA GLU B 154 35.34 -47.36 -14.11
C GLU B 154 36.54 -47.08 -13.20
N PHE B 155 36.71 -45.83 -12.76
CA PHE B 155 37.80 -45.45 -11.87
C PHE B 155 37.66 -46.16 -10.52
N ILE B 156 36.56 -45.96 -9.83
CA ILE B 156 36.29 -46.63 -8.55
C ILE B 156 36.39 -48.18 -8.67
N GLY B 157 35.89 -48.75 -9.77
CA GLY B 157 35.94 -50.19 -10.00
C GLY B 157 37.30 -50.79 -10.28
N THR B 158 38.31 -49.98 -10.65
CA THR B 158 39.67 -50.48 -10.89
C THR B 158 40.65 -50.11 -9.76
N VAL B 159 40.21 -49.49 -8.66
CA VAL B 159 41.08 -49.13 -7.54
C VAL B 159 41.41 -50.40 -6.74
N ARG B 160 42.72 -50.70 -6.56
CA ARG B 160 43.18 -51.89 -5.81
C ARG B 160 43.93 -51.49 -4.52
N GLY B 161 43.71 -52.22 -3.42
CA GLY B 161 44.35 -51.91 -2.15
C GLY B 161 43.58 -52.41 -0.96
N LYS B 162 44.27 -52.55 0.20
CA LYS B 162 43.64 -53.00 1.45
C LYS B 162 42.74 -51.87 1.99
N ALA B 163 43.33 -50.69 2.26
CA ALA B 163 42.61 -49.52 2.79
C ALA B 163 41.63 -48.92 1.81
N MET B 164 41.78 -49.17 0.50
CA MET B 164 40.88 -48.61 -0.50
C MET B 164 39.53 -49.35 -0.50
N LYS B 165 39.56 -50.68 -0.27
CA LYS B 165 38.40 -51.59 -0.19
C LYS B 165 37.14 -50.98 0.46
N LYS B 166 37.28 -50.47 1.70
CA LYS B 166 36.18 -49.90 2.47
C LYS B 166 35.60 -48.67 1.77
N TRP B 167 36.47 -47.83 1.18
CA TRP B 167 36.06 -46.63 0.48
C TRP B 167 35.34 -46.95 -0.82
N VAL B 168 35.90 -47.85 -1.63
CA VAL B 168 35.30 -48.23 -2.92
C VAL B 168 33.88 -48.78 -2.72
N GLU B 169 33.68 -49.58 -1.66
CA GLU B 169 32.37 -50.13 -1.34
C GLU B 169 31.39 -49.05 -0.85
N SER B 170 31.82 -48.11 0.01
CA SER B 170 30.92 -47.08 0.51
C SER B 170 30.53 -46.13 -0.61
N ILE B 171 31.43 -45.84 -1.58
CA ILE B 171 31.11 -44.99 -2.73
C ILE B 171 30.09 -45.73 -3.59
N THR B 172 30.31 -47.02 -3.85
CA THR B 172 29.37 -47.82 -4.64
C THR B 172 28.00 -47.90 -3.97
N LYS B 173 27.97 -48.10 -2.63
CA LYS B 173 26.71 -48.14 -1.89
C LYS B 173 25.95 -46.81 -2.06
N ILE B 174 26.65 -45.66 -1.99
CA ILE B 174 26.01 -44.37 -2.19
C ILE B 174 25.51 -44.23 -3.63
N ILE B 175 26.33 -44.56 -4.66
CA ILE B 175 25.91 -44.46 -6.07
C ILE B 175 24.62 -45.25 -6.33
N GLN B 176 24.59 -46.49 -5.88
CA GLN B 176 23.41 -47.34 -6.08
C GLN B 176 22.19 -46.81 -5.31
N ARG B 177 22.38 -46.38 -4.06
CA ARG B 177 21.30 -45.81 -3.26
C ARG B 177 20.70 -44.56 -3.94
N LYS B 178 21.55 -43.76 -4.62
CA LYS B 178 21.09 -42.58 -5.33
C LYS B 178 20.35 -42.98 -6.61
N LYS B 179 20.85 -43.97 -7.36
CA LYS B 179 20.18 -44.46 -8.57
C LYS B 179 18.77 -44.94 -8.24
N ILE B 180 18.62 -45.74 -7.16
CA ILE B 180 17.35 -46.29 -6.70
C ILE B 180 16.39 -45.18 -6.28
N ALA B 181 16.90 -44.08 -5.70
CA ALA B 181 16.06 -42.94 -5.31
C ALA B 181 15.30 -42.33 -6.50
N ARG B 182 15.76 -42.54 -7.76
CA ARG B 182 15.03 -42.08 -8.95
C ARG B 182 13.82 -42.99 -9.23
N PHE B 192 3.82 -37.30 10.26
CA PHE B 192 3.68 -36.25 11.27
C PHE B 192 3.40 -36.83 12.65
N GLN B 193 3.79 -36.11 13.71
CA GLN B 193 3.54 -36.55 15.10
C GLN B 193 2.05 -36.45 15.45
N SER B 194 1.37 -35.43 14.92
CA SER B 194 -0.07 -35.20 15.13
C SER B 194 -0.75 -35.07 13.76
N SER B 195 -2.08 -35.25 13.70
CA SER B 195 -2.82 -35.12 12.44
C SER B 195 -2.91 -33.65 12.01
N PRO B 196 -2.95 -33.39 10.70
CA PRO B 196 -3.07 -32.01 10.22
C PRO B 196 -4.50 -31.47 10.36
N PRO B 197 -4.67 -30.13 10.28
CA PRO B 197 -6.03 -29.58 10.41
C PRO B 197 -6.96 -29.98 9.28
N THR B 198 -8.27 -29.87 9.52
CA THR B 198 -9.27 -30.19 8.51
C THR B 198 -9.16 -29.20 7.35
N VAL B 199 -9.12 -29.71 6.10
CA VAL B 199 -9.06 -28.90 4.89
C VAL B 199 -10.30 -28.03 4.83
N GLU B 200 -10.09 -26.71 4.67
CA GLU B 200 -11.15 -25.71 4.64
C GLU B 200 -11.73 -25.52 3.23
N TRP B 201 -13.06 -25.34 3.15
CA TRP B 201 -13.76 -25.04 1.90
C TRP B 201 -14.65 -23.80 2.14
N HIS B 202 -14.94 -23.07 1.07
CA HIS B 202 -15.74 -21.85 1.15
C HIS B 202 -16.89 -21.96 0.12
N ILE B 203 -16.82 -21.35 -1.08
CA ILE B 203 -17.89 -21.47 -2.06
C ILE B 203 -17.63 -22.71 -2.93
N SER B 204 -16.43 -22.81 -3.54
CA SER B 204 -16.07 -23.97 -4.38
C SER B 204 -16.11 -25.28 -3.60
N ARG B 205 -16.77 -26.28 -4.15
CA ARG B 205 -16.88 -27.58 -3.51
C ARG B 205 -15.68 -28.46 -3.87
N PRO B 206 -15.31 -29.45 -3.02
CA PRO B 206 -14.22 -30.37 -3.41
C PRO B 206 -14.50 -31.08 -4.74
N GLY B 207 -13.56 -30.99 -5.68
CA GLY B 207 -13.71 -31.60 -7.00
C GLY B 207 -14.17 -30.67 -8.10
N HIS B 208 -14.93 -29.59 -7.76
CA HIS B 208 -15.43 -28.62 -8.75
C HIS B 208 -14.31 -27.64 -9.12
N ILE B 209 -13.21 -28.18 -9.67
CA ILE B 209 -12.02 -27.43 -10.06
C ILE B 209 -12.33 -26.33 -11.08
N GLU B 210 -13.40 -26.49 -11.86
CA GLU B 210 -13.84 -25.53 -12.85
C GLU B 210 -14.24 -24.20 -12.19
N THR B 211 -14.69 -24.23 -10.91
CA THR B 211 -15.07 -23.01 -10.18
C THR B 211 -13.94 -22.46 -9.29
N PHE B 212 -12.81 -23.17 -9.14
CA PHE B 212 -11.72 -22.72 -8.29
C PHE B 212 -11.18 -21.35 -8.74
N ASP B 213 -11.10 -20.41 -7.80
CA ASP B 213 -10.59 -19.07 -8.03
C ASP B 213 -10.21 -18.42 -6.66
N LEU B 214 -9.68 -17.20 -6.68
CA LEU B 214 -9.24 -16.51 -5.47
C LEU B 214 -10.33 -16.37 -4.41
N LEU B 215 -11.56 -15.96 -4.81
CA LEU B 215 -12.61 -15.70 -3.85
C LEU B 215 -13.49 -16.91 -3.56
N THR B 216 -13.45 -17.97 -4.40
CA THR B 216 -14.29 -19.14 -4.19
C THR B 216 -13.63 -20.16 -3.27
N LEU B 217 -12.31 -20.32 -3.35
CA LEU B 217 -11.58 -21.20 -2.44
C LEU B 217 -11.45 -20.50 -1.07
N HIS B 218 -11.29 -21.27 0.03
CA HIS B 218 -11.18 -20.67 1.35
C HIS B 218 -9.82 -19.94 1.49
N PRO B 219 -9.74 -18.69 1.99
CA PRO B 219 -8.43 -18.02 2.11
C PRO B 219 -7.41 -18.79 2.96
N ILE B 220 -7.89 -19.56 3.97
CA ILE B 220 -6.99 -20.35 4.80
C ILE B 220 -6.36 -21.44 3.94
N GLU B 221 -7.18 -22.15 3.14
CA GLU B 221 -6.68 -23.25 2.34
C GLU B 221 -5.80 -22.81 1.18
N ILE B 222 -6.03 -21.60 0.65
CA ILE B 222 -5.17 -21.05 -0.41
C ILE B 222 -3.76 -20.87 0.14
N ALA B 223 -3.62 -20.26 1.32
CA ALA B 223 -2.31 -20.06 1.93
C ALA B 223 -1.67 -21.40 2.38
N ARG B 224 -2.47 -22.36 2.88
CA ARG B 224 -1.93 -23.65 3.32
C ARG B 224 -1.36 -24.42 2.14
N GLN B 225 -2.10 -24.49 1.03
CA GLN B 225 -1.66 -25.21 -0.15
C GLN B 225 -0.53 -24.48 -0.86
N LEU B 226 -0.52 -23.13 -0.85
CA LEU B 226 0.60 -22.40 -1.44
C LEU B 226 1.84 -22.60 -0.58
N THR B 227 1.71 -22.66 0.76
CA THR B 227 2.86 -22.88 1.64
C THR B 227 3.45 -24.26 1.44
N LEU B 228 2.62 -25.27 1.18
CA LEU B 228 3.13 -26.62 0.90
C LEU B 228 3.87 -26.62 -0.43
N LEU B 229 3.26 -26.04 -1.47
CA LEU B 229 3.86 -25.95 -2.80
C LEU B 229 5.18 -25.17 -2.74
N GLU B 230 5.23 -24.02 -2.05
CA GLU B 230 6.45 -23.22 -1.91
C GLU B 230 7.47 -23.88 -1.02
N SER B 231 7.04 -24.62 0.00
CA SER B 231 7.94 -25.36 0.89
C SER B 231 8.65 -26.44 0.05
N ASP B 232 7.89 -27.22 -0.73
CA ASP B 232 8.47 -28.22 -1.62
C ASP B 232 9.44 -27.59 -2.62
N LEU B 233 9.05 -26.45 -3.23
CA LEU B 233 9.91 -25.76 -4.18
C LEU B 233 11.21 -25.27 -3.55
N TYR B 234 11.12 -24.75 -2.31
CA TYR B 234 12.27 -24.24 -1.57
C TYR B 234 13.27 -25.36 -1.25
N ARG B 235 12.77 -26.53 -0.84
CA ARG B 235 13.56 -27.68 -0.43
C ARG B 235 14.24 -28.42 -1.61
N ALA B 236 13.74 -28.27 -2.84
CA ALA B 236 14.36 -28.93 -3.99
C ALA B 236 15.55 -28.16 -4.56
N VAL B 237 15.74 -26.86 -4.21
CA VAL B 237 16.82 -26.05 -4.74
C VAL B 237 18.16 -26.49 -4.11
N GLN B 238 19.19 -26.72 -4.96
CA GLN B 238 20.52 -27.15 -4.52
C GLN B 238 21.46 -25.94 -4.55
N PRO B 239 22.31 -25.76 -3.52
CA PRO B 239 23.24 -24.61 -3.54
C PRO B 239 23.97 -24.32 -4.86
N SER B 240 24.36 -25.36 -5.63
CA SER B 240 25.06 -25.15 -6.89
C SER B 240 24.22 -24.43 -7.95
N GLU B 241 22.89 -24.47 -7.84
CA GLU B 241 22.01 -23.76 -8.78
C GLU B 241 22.16 -22.23 -8.67
N LEU B 242 22.68 -21.74 -7.52
CA LEU B 242 22.88 -20.34 -7.27
C LEU B 242 24.32 -19.86 -7.48
N VAL B 243 25.34 -20.76 -7.48
CA VAL B 243 26.73 -20.33 -7.64
C VAL B 243 27.04 -19.95 -9.09
N GLY B 244 27.89 -18.94 -9.27
CA GLY B 244 28.27 -18.43 -10.58
C GLY B 244 27.14 -17.77 -11.35
N SER B 245 26.00 -17.39 -10.66
CA SER B 245 24.82 -16.77 -11.30
C SER B 245 24.36 -17.62 -12.51
N VAL B 246 24.41 -18.96 -12.37
CA VAL B 246 24.11 -19.87 -13.48
C VAL B 246 22.66 -19.88 -13.89
N TRP B 247 21.71 -19.47 -13.02
CA TRP B 247 20.31 -19.37 -13.43
C TRP B 247 20.08 -18.14 -14.38
N THR B 248 21.04 -17.20 -14.44
CA THR B 248 21.02 -16.03 -15.31
C THR B 248 21.83 -16.30 -16.61
N LYS B 249 22.77 -17.29 -16.60
CA LYS B 249 23.57 -17.62 -17.79
C LYS B 249 22.70 -18.41 -18.81
N GLU B 250 23.29 -18.80 -19.95
CA GLU B 250 22.54 -19.47 -21.03
C GLU B 250 22.08 -20.91 -20.71
N ASP B 251 22.96 -21.76 -20.12
CA ASP B 251 22.62 -23.15 -19.81
C ASP B 251 21.72 -23.31 -18.53
N LYS B 252 21.18 -22.19 -18.00
CA LYS B 252 20.29 -22.09 -16.82
C LYS B 252 19.25 -23.22 -16.64
N GLU B 253 18.59 -23.68 -17.71
CA GLU B 253 17.57 -24.73 -17.62
C GLU B 253 18.10 -26.08 -17.11
N ILE B 254 19.39 -26.39 -17.32
CA ILE B 254 19.97 -27.65 -16.86
C ILE B 254 20.68 -27.47 -15.52
N ASN B 255 21.32 -26.32 -15.29
CA ASN B 255 22.07 -26.04 -14.07
C ASN B 255 21.20 -25.61 -12.91
N SER B 256 20.08 -24.96 -13.19
CA SER B 256 19.19 -24.38 -12.19
C SER B 256 17.70 -24.74 -12.45
N PRO B 257 17.33 -26.04 -12.59
CA PRO B 257 15.92 -26.38 -12.85
C PRO B 257 14.96 -26.14 -11.68
N ASN B 258 15.38 -26.43 -10.45
CA ASN B 258 14.55 -26.23 -9.26
C ASN B 258 14.44 -24.76 -8.88
N LEU B 259 15.54 -24.00 -9.03
CA LEU B 259 15.55 -22.57 -8.75
C LEU B 259 14.66 -21.82 -9.74
N LEU B 260 14.74 -22.16 -11.03
CA LEU B 260 13.89 -21.52 -12.04
C LEU B 260 12.40 -21.82 -11.77
N LYS B 261 12.07 -23.02 -11.29
CA LYS B 261 10.69 -23.35 -10.93
C LYS B 261 10.20 -22.45 -9.79
N MET B 262 11.08 -22.17 -8.81
CA MET B 262 10.79 -21.32 -7.63
C MET B 262 10.57 -19.88 -8.09
N ILE B 263 11.42 -19.37 -9.01
CA ILE B 263 11.30 -18.01 -9.57
C ILE B 263 10.02 -17.88 -10.41
N ARG B 264 9.71 -18.87 -11.24
CA ARG B 264 8.52 -18.83 -12.08
C ARG B 264 7.26 -18.89 -11.24
N HIS B 265 7.26 -19.66 -10.14
CA HIS B 265 6.11 -19.72 -9.25
C HIS B 265 5.86 -18.35 -8.62
N THR B 266 6.90 -17.73 -8.06
CA THR B 266 6.79 -16.41 -7.45
C THR B 266 6.34 -15.36 -8.46
N THR B 267 6.86 -15.39 -9.70
CA THR B 267 6.43 -14.45 -10.74
C THR B 267 4.95 -14.69 -11.04
N ASN B 268 4.58 -15.94 -11.33
CA ASN B 268 3.18 -16.29 -11.64
C ASN B 268 2.20 -15.96 -10.50
N LEU B 269 2.55 -16.26 -9.24
CA LEU B 269 1.62 -15.99 -8.14
C LEU B 269 1.44 -14.49 -7.93
N THR B 270 2.54 -13.72 -7.94
CA THR B 270 2.52 -12.26 -7.75
C THR B 270 1.72 -11.59 -8.87
N LEU B 271 1.95 -11.99 -10.12
CA LEU B 271 1.22 -11.43 -11.25
C LEU B 271 -0.23 -11.88 -11.24
N TRP B 272 -0.54 -13.07 -10.70
CA TRP B 272 -1.91 -13.53 -10.59
C TRP B 272 -2.67 -12.65 -9.61
N PHE B 273 -2.05 -12.28 -8.47
CA PHE B 273 -2.69 -11.38 -7.51
C PHE B 273 -2.98 -10.02 -8.17
N GLU B 274 -2.03 -9.48 -8.92
CA GLU B 274 -2.22 -8.22 -9.62
C GLU B 274 -3.34 -8.32 -10.66
N LYS B 275 -3.39 -9.41 -11.41
CA LYS B 275 -4.42 -9.66 -12.42
C LYS B 275 -5.82 -9.72 -11.75
N CYS B 276 -5.96 -10.45 -10.63
CA CYS B 276 -7.21 -10.54 -9.88
C CYS B 276 -7.67 -9.18 -9.40
N ILE B 277 -6.71 -8.33 -8.99
CA ILE B 277 -7.00 -6.99 -8.50
C ILE B 277 -7.42 -6.06 -9.65
N VAL B 278 -6.53 -5.74 -10.63
CA VAL B 278 -6.87 -4.77 -11.68
C VAL B 278 -7.97 -5.23 -12.61
N GLU B 279 -8.09 -6.55 -12.87
CA GLU B 279 -9.17 -7.02 -13.73
C GLU B 279 -10.53 -7.03 -13.06
N THR B 280 -10.63 -6.61 -11.77
CA THR B 280 -11.90 -6.45 -11.07
C THR B 280 -12.19 -4.95 -11.13
N GLU B 281 -12.90 -4.53 -12.18
CA GLU B 281 -13.17 -3.11 -12.43
C GLU B 281 -14.10 -2.46 -11.40
N ASN B 282 -15.06 -3.21 -10.85
CA ASN B 282 -15.96 -2.65 -9.84
C ASN B 282 -15.16 -2.37 -8.56
N LEU B 283 -15.26 -1.16 -8.02
CA LEU B 283 -14.50 -0.76 -6.83
C LEU B 283 -14.76 -1.66 -5.62
N GLU B 284 -16.02 -1.88 -5.27
CA GLU B 284 -16.44 -2.66 -4.09
C GLU B 284 -15.91 -4.08 -4.18
N GLU B 285 -16.05 -4.74 -5.36
CA GLU B 285 -15.54 -6.09 -5.59
C GLU B 285 -14.03 -6.14 -5.52
N ARG B 286 -13.33 -5.12 -6.05
CA ARG B 286 -11.87 -5.08 -6.00
C ARG B 286 -11.38 -4.90 -4.55
N VAL B 287 -12.12 -4.16 -3.72
CA VAL B 287 -11.80 -4.03 -2.31
C VAL B 287 -11.88 -5.42 -1.63
N ALA B 288 -12.87 -6.26 -2.00
CA ALA B 288 -13.00 -7.63 -1.46
C ALA B 288 -11.82 -8.54 -1.89
N VAL B 289 -11.37 -8.40 -3.15
CA VAL B 289 -10.21 -9.14 -3.70
C VAL B 289 -8.93 -8.77 -2.91
N VAL B 290 -8.65 -7.46 -2.78
CA VAL B 290 -7.47 -7.00 -2.03
C VAL B 290 -7.57 -7.43 -0.56
N SER B 291 -8.75 -7.30 0.07
N SER B 291 -8.75 -7.29 0.08
CA SER B 291 -8.96 -7.71 1.46
CA SER B 291 -8.94 -7.72 1.48
C SER B 291 -8.70 -9.22 1.64
C SER B 291 -8.68 -9.22 1.64
N ARG B 292 -9.09 -10.03 0.64
CA ARG B 292 -8.88 -11.46 0.67
C ARG B 292 -7.41 -11.83 0.54
N ILE B 293 -6.64 -11.08 -0.29
CA ILE B 293 -5.22 -11.30 -0.44
C ILE B 293 -4.50 -10.93 0.87
N ILE B 294 -4.94 -9.88 1.59
CA ILE B 294 -4.35 -9.54 2.89
C ILE B 294 -4.68 -10.67 3.90
N GLU B 295 -5.85 -11.30 3.81
CA GLU B 295 -6.19 -12.42 4.70
C GLU B 295 -5.30 -13.60 4.38
N ILE B 296 -5.01 -13.85 3.08
CA ILE B 296 -4.09 -14.90 2.66
C ILE B 296 -2.68 -14.63 3.27
N LEU B 297 -2.24 -13.35 3.28
CA LEU B 297 -0.96 -12.96 3.88
C LEU B 297 -0.97 -13.24 5.39
N GLN B 298 -2.07 -12.90 6.10
CA GLN B 298 -2.18 -13.16 7.54
C GLN B 298 -1.98 -14.63 7.86
N VAL B 299 -2.48 -15.54 7.01
CA VAL B 299 -2.32 -16.97 7.22
C VAL B 299 -0.88 -17.39 6.89
N PHE B 300 -0.27 -16.79 5.84
CA PHE B 300 1.16 -17.01 5.53
C PHE B 300 2.03 -16.58 6.73
N GLN B 301 1.64 -15.52 7.46
CA GLN B 301 2.34 -15.08 8.66
C GLN B 301 2.21 -16.14 9.76
N GLU B 302 1.00 -16.69 9.95
CA GLU B 302 0.76 -17.74 10.97
C GLU B 302 1.57 -18.99 10.70
N LEU B 303 1.73 -19.33 9.41
CA LEU B 303 2.50 -20.49 8.97
C LEU B 303 3.99 -20.21 8.84
N ASN B 304 4.47 -18.98 9.13
CA ASN B 304 5.87 -18.62 8.97
C ASN B 304 6.34 -18.80 7.51
N ASN B 305 5.44 -18.59 6.54
CA ASN B 305 5.80 -18.65 5.14
C ASN B 305 6.17 -17.22 4.74
N PHE B 306 7.43 -16.83 4.99
CA PHE B 306 7.89 -15.49 4.65
C PHE B 306 7.97 -15.28 3.14
N ASN B 307 8.13 -16.35 2.37
CA ASN B 307 8.16 -16.26 0.92
C ASN B 307 6.81 -15.75 0.39
N GLY B 308 5.72 -16.33 0.92
CA GLY B 308 4.37 -15.97 0.57
C GLY B 308 4.02 -14.58 1.03
N VAL B 309 4.42 -14.22 2.26
CA VAL B 309 4.20 -12.86 2.81
C VAL B 309 4.79 -11.81 1.85
N LEU B 310 5.99 -12.06 1.33
CA LEU B 310 6.64 -11.11 0.47
C LEU B 310 6.19 -11.20 -1.00
N GLU B 311 5.47 -12.26 -1.41
CA GLU B 311 4.85 -12.31 -2.73
C GLU B 311 3.68 -11.32 -2.71
N VAL B 312 2.85 -11.37 -1.65
CA VAL B 312 1.72 -10.45 -1.46
C VAL B 312 2.22 -8.99 -1.37
N VAL B 313 3.27 -8.71 -0.56
CA VAL B 313 3.86 -7.36 -0.45
C VAL B 313 4.32 -6.88 -1.85
N SER B 314 4.99 -7.76 -2.59
CA SER B 314 5.47 -7.44 -3.92
C SER B 314 4.28 -7.09 -4.86
N ALA B 315 3.16 -7.82 -4.77
CA ALA B 315 1.97 -7.54 -5.57
C ALA B 315 1.30 -6.20 -5.17
N MET B 316 1.23 -5.91 -3.87
CA MET B 316 0.65 -4.67 -3.38
C MET B 316 1.55 -3.46 -3.66
N ASN B 317 2.85 -3.66 -3.79
CA ASN B 317 3.80 -2.59 -4.12
C ASN B 317 4.04 -2.40 -5.62
N SER B 318 3.45 -3.25 -6.48
CA SER B 318 3.60 -3.17 -7.93
C SER B 318 2.98 -1.90 -8.48
N SER B 319 3.47 -1.45 -9.65
CA SER B 319 2.97 -0.23 -10.27
C SER B 319 1.44 -0.22 -10.47
N PRO B 320 0.80 -1.30 -10.98
CA PRO B 320 -0.65 -1.25 -11.17
C PRO B 320 -1.46 -1.23 -9.87
N VAL B 321 -1.00 -1.96 -8.82
CA VAL B 321 -1.76 -2.04 -7.56
C VAL B 321 -1.45 -0.90 -6.58
N TYR B 322 -0.17 -0.58 -6.29
CA TYR B 322 0.16 0.43 -5.28
C TYR B 322 -0.60 1.76 -5.46
N ARG B 323 -0.82 2.16 -6.70
CA ARG B 323 -1.51 3.41 -7.03
C ARG B 323 -3.03 3.39 -6.86
N LEU B 324 -3.66 2.25 -6.55
CA LEU B 324 -5.10 2.17 -6.39
C LEU B 324 -5.53 2.72 -5.04
N ASP B 325 -5.46 4.05 -4.88
CA ASP B 325 -5.80 4.78 -3.65
C ASP B 325 -7.24 4.64 -3.18
N HIS B 326 -8.18 4.59 -4.12
CA HIS B 326 -9.59 4.44 -3.79
C HIS B 326 -9.88 3.06 -3.22
N THR B 327 -9.12 2.03 -3.65
CA THR B 327 -9.31 0.66 -3.18
C THR B 327 -8.77 0.54 -1.74
N PHE B 328 -7.53 1.00 -1.47
CA PHE B 328 -6.94 0.86 -0.13
C PHE B 328 -7.62 1.74 0.91
N GLU B 329 -8.32 2.82 0.49
CA GLU B 329 -9.10 3.71 1.37
C GLU B 329 -10.18 2.91 2.13
N GLN B 330 -10.87 2.03 1.39
CA GLN B 330 -11.91 1.15 1.92
C GLN B 330 -11.40 -0.09 2.67
N ILE B 331 -10.09 -0.36 2.67
CA ILE B 331 -9.51 -1.51 3.37
C ILE B 331 -9.45 -1.18 4.88
N PRO B 332 -10.03 -1.99 5.79
CA PRO B 332 -9.97 -1.66 7.22
C PRO B 332 -8.57 -1.36 7.75
N SER B 333 -8.45 -0.45 8.71
CA SER B 333 -7.17 -0.08 9.30
C SER B 333 -6.37 -1.26 9.82
N ARG B 334 -7.07 -2.26 10.38
CA ARG B 334 -6.45 -3.48 10.90
C ARG B 334 -5.70 -4.20 9.78
N GLN B 335 -6.31 -4.34 8.60
CA GLN B 335 -5.70 -4.98 7.44
C GLN B 335 -4.62 -4.11 6.82
N LYS B 336 -4.80 -2.77 6.83
CA LYS B 336 -3.78 -1.85 6.32
C LYS B 336 -2.49 -1.99 7.15
N LYS B 337 -2.59 -1.97 8.50
CA LYS B 337 -1.43 -2.08 9.42
C LYS B 337 -0.70 -3.42 9.26
N ILE B 338 -1.44 -4.49 9.00
CA ILE B 338 -0.89 -5.81 8.74
C ILE B 338 -0.03 -5.76 7.48
N LEU B 339 -0.55 -5.14 6.43
CA LEU B 339 0.14 -5.04 5.14
C LEU B 339 1.35 -4.08 5.20
N GLU B 340 1.21 -3.00 5.97
CA GLU B 340 2.29 -2.05 6.18
C GLU B 340 3.43 -2.65 6.98
N GLU B 341 3.14 -3.51 7.96
CA GLU B 341 4.19 -4.19 8.73
C GLU B 341 4.90 -5.27 7.90
N ALA B 342 4.18 -5.92 7.00
CA ALA B 342 4.76 -6.91 6.11
C ALA B 342 5.80 -6.23 5.17
N HIS B 343 5.53 -4.98 4.74
CA HIS B 343 6.48 -4.24 3.90
C HIS B 343 7.73 -3.90 4.69
N GLU B 344 7.55 -3.49 5.96
CA GLU B 344 8.67 -3.12 6.82
C GLU B 344 9.65 -4.28 7.09
N LEU B 345 9.26 -5.53 6.74
CA LEU B 345 10.15 -6.68 6.77
C LEU B 345 11.31 -6.47 5.78
N SER B 346 11.06 -5.74 4.65
CA SER B 346 12.03 -5.49 3.59
C SER B 346 12.92 -4.26 3.78
N GLU B 347 12.51 -3.31 4.62
CA GLU B 347 13.25 -2.07 4.83
C GLU B 347 14.57 -2.28 5.55
N ASP B 348 15.54 -1.37 5.31
CA ASP B 348 16.88 -1.41 5.92
C ASP B 348 17.56 -2.76 5.61
N HIS B 349 17.50 -3.17 4.32
CA HIS B 349 18.10 -4.40 3.84
C HIS B 349 17.55 -5.62 4.57
N TYR B 350 16.21 -5.71 4.67
CA TYR B 350 15.52 -6.83 5.30
C TYR B 350 15.94 -7.06 6.74
N LYS B 351 16.16 -5.99 7.49
CA LYS B 351 16.56 -6.06 8.89
C LYS B 351 15.50 -6.80 9.72
N LYS B 352 14.24 -6.38 9.61
CA LYS B 352 13.14 -6.94 10.38
C LYS B 352 12.80 -8.38 9.94
N TYR B 353 12.85 -8.71 8.63
CA TYR B 353 12.67 -10.09 8.14
C TYR B 353 13.69 -11.05 8.81
N LEU B 354 14.99 -10.66 8.82
CA LEU B 354 16.04 -11.50 9.37
C LEU B 354 15.89 -11.72 10.89
N ALA B 355 15.47 -10.70 11.64
CA ALA B 355 15.22 -10.86 13.07
C ALA B 355 14.05 -11.82 13.30
N LYS B 356 13.00 -11.75 12.45
CA LYS B 356 11.84 -12.63 12.56
C LYS B 356 12.23 -14.07 12.22
N LEU B 357 12.93 -14.27 11.11
CA LEU B 357 13.36 -15.60 10.68
C LEU B 357 14.16 -16.35 11.76
N ARG B 358 15.09 -15.66 12.43
CA ARG B 358 15.93 -16.26 13.44
C ARG B 358 15.24 -16.44 14.80
N SER B 359 14.10 -15.76 15.04
CA SER B 359 13.37 -15.85 16.29
C SER B 359 12.16 -16.84 16.23
N ILE B 360 11.77 -17.29 15.02
CA ILE B 360 10.63 -18.20 14.88
C ILE B 360 11.04 -19.66 15.10
N ASN B 361 10.04 -20.49 15.44
CA ASN B 361 10.18 -21.92 15.57
C ASN B 361 9.72 -22.54 14.26
N PRO B 362 10.34 -23.65 13.84
CA PRO B 362 9.93 -24.29 12.58
C PRO B 362 8.52 -24.91 12.64
N PRO B 363 7.91 -25.20 11.49
CA PRO B 363 8.44 -25.02 10.13
C PRO B 363 8.22 -23.62 9.56
N CYS B 364 9.01 -23.30 8.54
CA CYS B 364 8.97 -22.00 7.88
C CYS B 364 9.40 -22.15 6.41
N VAL B 365 9.03 -21.17 5.59
CA VAL B 365 9.48 -21.09 4.20
C VAL B 365 10.18 -19.73 4.12
N PRO B 366 11.52 -19.68 4.21
CA PRO B 366 12.20 -18.38 4.13
C PRO B 366 11.94 -17.65 2.83
N PHE B 367 12.16 -16.33 2.82
CA PHE B 367 11.98 -15.54 1.62
C PHE B 367 13.16 -15.81 0.71
N PHE B 368 12.89 -16.36 -0.47
CA PHE B 368 13.95 -16.78 -1.38
C PHE B 368 14.65 -15.65 -2.15
N GLY B 369 13.92 -14.61 -2.53
CA GLY B 369 14.48 -13.50 -3.30
C GLY B 369 15.69 -12.80 -2.69
N ILE B 370 15.75 -12.69 -1.34
CA ILE B 370 16.87 -12.02 -0.69
C ILE B 370 18.17 -12.79 -0.93
N TYR B 371 18.12 -14.15 -1.00
CA TYR B 371 19.31 -14.97 -1.24
C TYR B 371 19.79 -14.73 -2.67
N LEU B 372 18.87 -14.72 -3.65
CA LEU B 372 19.24 -14.45 -5.04
C LEU B 372 19.88 -13.06 -5.19
N THR B 373 19.30 -12.04 -4.54
CA THR B 373 19.82 -10.67 -4.55
C THR B 373 21.26 -10.58 -3.99
N ASN B 374 21.49 -11.17 -2.81
CA ASN B 374 22.80 -11.14 -2.15
C ASN B 374 23.84 -11.98 -2.88
N ILE B 375 23.42 -13.06 -3.53
CA ILE B 375 24.34 -13.88 -4.31
C ILE B 375 24.76 -13.10 -5.55
N LEU B 376 23.84 -12.37 -6.20
CA LEU B 376 24.17 -11.55 -7.36
C LEU B 376 25.08 -10.41 -6.97
N LYS B 377 24.90 -9.82 -5.77
CA LYS B 377 25.78 -8.75 -5.31
C LYS B 377 27.18 -9.28 -5.06
N THR B 378 27.30 -10.45 -4.48
CA THR B 378 28.61 -11.09 -4.27
C THR B 378 29.24 -11.45 -5.64
N GLU B 379 28.47 -12.06 -6.54
CA GLU B 379 28.95 -12.43 -7.86
C GLU B 379 29.41 -11.21 -8.68
N GLU B 380 28.70 -10.09 -8.60
CA GLU B 380 29.06 -8.89 -9.36
C GLU B 380 30.09 -8.00 -8.67
N GLY B 381 30.18 -8.05 -7.34
CA GLY B 381 31.10 -7.21 -6.57
C GLY B 381 32.46 -7.81 -6.27
N ASN B 382 32.69 -9.10 -6.60
CA ASN B 382 33.98 -9.74 -6.35
C ASN B 382 34.55 -10.25 -7.68
N PRO B 383 35.87 -10.14 -7.92
CA PRO B 383 36.41 -10.57 -9.22
C PRO B 383 36.53 -12.09 -9.34
N GLU B 384 36.37 -12.62 -10.55
CA GLU B 384 36.46 -14.06 -10.79
C GLU B 384 37.86 -14.59 -10.46
N VAL B 385 38.91 -13.80 -10.74
CA VAL B 385 40.29 -14.17 -10.46
C VAL B 385 41.06 -13.07 -9.73
N LEU B 386 42.16 -13.43 -9.07
CA LEU B 386 43.11 -12.52 -8.45
C LEU B 386 44.43 -12.71 -9.22
N LYS B 387 45.08 -11.62 -9.68
CA LYS B 387 46.34 -11.71 -10.43
C LYS B 387 47.53 -11.45 -9.51
N ARG B 388 48.54 -12.32 -9.56
CA ARG B 388 49.73 -12.20 -8.73
C ARG B 388 50.94 -12.50 -9.62
N HIS B 389 51.81 -11.51 -9.82
CA HIS B 389 53.00 -11.64 -10.65
C HIS B 389 52.63 -12.02 -12.11
N GLY B 390 51.52 -11.47 -12.61
CA GLY B 390 51.03 -11.70 -13.97
C GLY B 390 50.26 -12.99 -14.20
N LYS B 391 50.09 -13.81 -13.16
CA LYS B 391 49.37 -15.08 -13.30
C LYS B 391 48.01 -15.02 -12.63
N GLU B 392 46.99 -15.65 -13.26
CA GLU B 392 45.60 -15.64 -12.78
C GLU B 392 45.34 -16.78 -11.80
N LEU B 393 44.77 -16.45 -10.63
CA LEU B 393 44.42 -17.42 -9.61
C LEU B 393 42.94 -17.33 -9.38
N ILE B 394 42.25 -18.47 -9.31
CA ILE B 394 40.81 -18.48 -9.08
C ILE B 394 40.50 -17.88 -7.70
N ASN B 395 39.69 -16.82 -7.64
CA ASN B 395 39.32 -16.18 -6.37
C ASN B 395 38.41 -17.18 -5.63
N PHE B 396 38.98 -17.95 -4.69
CA PHE B 396 38.20 -18.98 -4.00
C PHE B 396 37.35 -18.36 -2.89
N SER B 397 37.86 -17.34 -2.16
CA SER B 397 37.04 -16.67 -1.14
C SER B 397 35.75 -16.10 -1.70
N LYS B 398 35.72 -15.73 -3.01
CA LYS B 398 34.48 -15.29 -3.66
C LYS B 398 33.47 -16.45 -3.60
N ARG B 399 33.90 -17.65 -4.03
CA ARG B 399 33.07 -18.86 -4.01
C ARG B 399 32.65 -19.23 -2.58
N ARG B 400 33.55 -19.09 -1.61
CA ARG B 400 33.22 -19.39 -0.21
C ARG B 400 32.12 -18.46 0.30
N LYS B 401 32.15 -17.15 -0.06
CA LYS B 401 31.10 -16.24 0.39
C LYS B 401 29.75 -16.65 -0.18
N VAL B 402 29.68 -17.00 -1.46
CA VAL B 402 28.44 -17.45 -2.09
C VAL B 402 27.97 -18.75 -1.42
N ALA B 403 28.90 -19.68 -1.14
CA ALA B 403 28.63 -20.95 -0.47
C ALA B 403 28.09 -20.77 0.95
N GLU B 404 28.51 -19.70 1.67
CA GLU B 404 28.00 -19.45 3.02
C GLU B 404 26.56 -18.96 2.94
N ILE B 405 26.22 -18.14 1.91
CA ILE B 405 24.85 -17.68 1.71
C ILE B 405 23.96 -18.89 1.37
N THR B 406 24.39 -19.77 0.45
CA THR B 406 23.59 -20.97 0.13
C THR B 406 23.50 -21.94 1.34
N GLY B 407 24.47 -21.87 2.26
CA GLY B 407 24.43 -22.62 3.51
C GLY B 407 23.30 -22.12 4.40
N GLU B 408 23.00 -20.81 4.36
CA GLU B 408 21.88 -20.21 5.09
C GLU B 408 20.53 -20.72 4.53
N ILE B 409 20.47 -21.01 3.22
CA ILE B 409 19.28 -21.56 2.59
C ILE B 409 19.05 -22.97 3.17
N GLN B 410 20.09 -23.81 3.19
CA GLN B 410 20.03 -25.20 3.63
C GLN B 410 19.56 -25.36 5.05
N GLN B 411 20.01 -24.45 5.92
CA GLN B 411 19.64 -24.35 7.34
C GLN B 411 18.11 -24.58 7.57
N TYR B 412 17.26 -24.22 6.59
CA TYR B 412 15.80 -24.33 6.69
C TYR B 412 15.14 -25.32 5.71
N GLN B 413 15.91 -26.16 4.98
CA GLN B 413 15.35 -27.12 4.02
C GLN B 413 14.90 -28.48 4.62
N ASN B 414 14.83 -28.62 5.97
CA ASN B 414 14.36 -29.86 6.60
C ASN B 414 13.26 -29.46 7.60
N GLN B 415 12.21 -28.80 7.08
CA GLN B 415 11.11 -28.30 7.88
C GLN B 415 9.75 -28.60 7.25
N PRO B 416 9.35 -29.88 7.24
CA PRO B 416 8.04 -30.23 6.65
C PRO B 416 6.87 -29.66 7.44
N TYR B 417 5.78 -29.35 6.73
CA TYR B 417 4.58 -28.81 7.36
C TYR B 417 3.57 -29.91 7.67
N CYS B 418 2.97 -29.85 8.88
CA CYS B 418 1.91 -30.78 9.28
C CYS B 418 0.60 -30.24 8.67
N LEU B 419 0.49 -30.29 7.33
CA LEU B 419 -0.67 -29.82 6.58
C LEU B 419 -1.01 -30.84 5.50
N ARG B 420 -2.30 -31.17 5.36
CA ARG B 420 -2.75 -32.13 4.37
C ARG B 420 -2.75 -31.50 2.97
N VAL B 421 -2.17 -32.22 1.99
CA VAL B 421 -2.18 -31.80 0.60
C VAL B 421 -3.58 -32.01 0.03
N GLU B 422 -4.02 -31.11 -0.84
CA GLU B 422 -5.29 -31.19 -1.54
C GLU B 422 -4.85 -31.09 -2.99
N SER B 423 -4.76 -32.25 -3.67
CA SER B 423 -4.25 -32.35 -5.03
C SER B 423 -4.91 -31.42 -6.06
N ASP B 424 -6.22 -31.16 -5.96
CA ASP B 424 -6.90 -30.28 -6.94
C ASP B 424 -6.47 -28.84 -6.74
N ILE B 425 -6.39 -28.37 -5.47
CA ILE B 425 -5.99 -26.98 -5.18
C ILE B 425 -4.51 -26.82 -5.49
N LYS B 426 -3.69 -27.86 -5.19
CA LYS B 426 -2.26 -27.91 -5.49
C LYS B 426 -2.04 -27.75 -6.99
N ARG B 427 -2.83 -28.48 -7.80
CA ARG B 427 -2.73 -28.43 -9.25
C ARG B 427 -3.19 -27.08 -9.79
N PHE B 428 -4.16 -26.42 -9.14
CA PHE B 428 -4.65 -25.12 -9.56
C PHE B 428 -3.52 -24.09 -9.45
N PHE B 429 -2.80 -24.08 -8.32
CA PHE B 429 -1.71 -23.14 -8.10
C PHE B 429 -0.46 -23.47 -8.91
N GLU B 430 -0.22 -24.76 -9.22
CA GLU B 430 0.92 -25.15 -10.05
C GLU B 430 0.69 -24.74 -11.50
N ASN B 431 -0.57 -24.81 -12.00
CA ASN B 431 -0.89 -24.46 -13.38
C ASN B 431 -1.31 -22.99 -13.57
N LEU B 432 -1.00 -22.08 -12.63
CA LEU B 432 -1.35 -20.66 -12.78
C LEU B 432 -0.56 -20.08 -13.95
N ASN B 433 -1.25 -19.39 -14.85
CA ASN B 433 -0.61 -18.80 -16.01
C ASN B 433 -1.24 -17.43 -16.27
N PRO B 434 -1.03 -16.45 -15.36
CA PRO B 434 -1.64 -15.13 -15.56
C PRO B 434 -1.25 -14.43 -16.86
N MET B 435 0.03 -14.54 -17.27
CA MET B 435 0.51 -13.89 -18.48
C MET B 435 -0.08 -14.48 -19.76
N GLY B 436 -0.44 -15.76 -19.74
CA GLY B 436 -0.96 -16.43 -20.93
C GLY B 436 0.12 -16.52 -21.99
N ASN B 437 -0.16 -15.99 -23.20
CA ASN B 437 0.85 -15.97 -24.27
C ASN B 437 1.67 -14.64 -24.29
N SER B 438 1.35 -13.67 -23.41
CA SER B 438 2.10 -12.41 -23.32
C SER B 438 3.41 -12.64 -22.57
N MET B 439 4.40 -11.78 -22.83
CA MET B 439 5.68 -11.80 -22.11
C MET B 439 5.46 -10.99 -20.81
N GLU B 440 6.37 -11.11 -19.83
CA GLU B 440 6.20 -10.41 -18.55
C GLU B 440 6.13 -8.88 -18.69
N LYS B 441 7.07 -8.25 -19.40
CA LYS B 441 7.05 -6.80 -19.62
C LYS B 441 5.73 -6.34 -20.27
N GLU B 442 5.30 -6.99 -21.34
CA GLU B 442 4.06 -6.63 -22.02
C GLU B 442 2.83 -6.87 -21.14
N PHE B 443 2.85 -7.92 -20.32
CA PHE B 443 1.75 -8.20 -19.41
C PHE B 443 1.67 -7.15 -18.29
N THR B 444 2.81 -6.73 -17.74
CA THR B 444 2.84 -5.72 -16.67
C THR B 444 2.47 -4.34 -17.23
N ASP B 445 2.77 -4.07 -18.54
CA ASP B 445 2.31 -2.84 -19.22
C ASP B 445 0.78 -2.88 -19.29
N TYR B 446 0.22 -4.07 -19.63
CA TYR B 446 -1.23 -4.27 -19.67
C TYR B 446 -1.85 -4.04 -18.28
N LEU B 447 -1.28 -4.63 -17.21
CA LEU B 447 -1.85 -4.46 -15.86
C LEU B 447 -1.86 -2.98 -15.45
N PHE B 448 -0.80 -2.22 -15.81
CA PHE B 448 -0.72 -0.80 -15.50
C PHE B 448 -1.70 0.02 -16.33
N ASN B 449 -1.86 -0.32 -17.62
CA ASN B 449 -2.87 0.34 -18.45
C ASN B 449 -4.30 0.01 -17.97
N LYS B 450 -4.50 -1.16 -17.36
CA LYS B 450 -5.77 -1.56 -16.76
C LYS B 450 -6.00 -0.80 -15.45
N SER B 451 -4.92 -0.56 -14.67
CA SER B 451 -4.97 0.23 -13.44
C SER B 451 -5.42 1.67 -13.73
N LEU B 452 -4.88 2.31 -14.81
CA LEU B 452 -5.30 3.66 -15.21
C LEU B 452 -6.74 3.67 -15.72
N GLU B 453 -7.22 2.57 -16.28
CA GLU B 453 -8.60 2.45 -16.71
C GLU B 453 -9.57 2.45 -15.50
N ILE B 454 -9.39 1.52 -14.54
CA ILE B 454 -10.30 1.36 -13.38
C ILE B 454 -10.24 2.51 -12.36
N GLU B 455 -9.10 3.20 -12.25
CA GLU B 455 -8.95 4.36 -11.36
C GLU B 455 -8.11 5.38 -12.11
N PRO B 456 -8.72 6.25 -12.93
CA PRO B 456 -7.92 7.21 -13.72
C PRO B 456 -7.17 8.25 -12.87
N ARG B 457 -6.13 8.87 -13.46
CA ARG B 457 -5.35 9.89 -12.74
C ARG B 457 -6.21 11.09 -12.34
N ASN B 458 -5.93 11.64 -11.14
CA ASN B 458 -6.63 12.73 -10.43
C ASN B 458 -7.54 13.69 -11.28
N PRO B 459 -7.04 14.44 -12.30
CA PRO B 459 -7.95 15.37 -13.01
C PRO B 459 -9.17 14.67 -13.61
N LYS B 460 -8.98 13.45 -14.12
CA LYS B 460 -10.06 12.65 -14.69
C LYS B 460 -10.89 12.05 -13.55
N PRO B 461 -12.25 12.08 -13.59
CA PRO B 461 -13.02 11.49 -12.47
C PRO B 461 -13.05 9.96 -12.47
N LEU B 462 -13.58 9.37 -11.36
CA LEU B 462 -13.65 7.91 -11.15
C LEU B 462 -14.99 7.35 -11.67
N PRO B 463 -15.00 6.68 -12.84
CA PRO B 463 -16.26 6.10 -13.32
C PRO B 463 -16.62 4.81 -12.58
N ARG B 464 -17.91 4.44 -12.65
CA ARG B 464 -18.40 3.20 -12.06
C ARG B 464 -18.26 2.05 -13.08
N PHE B 465 -18.14 0.82 -12.59
CA PHE B 465 -17.99 -0.35 -13.45
C PHE B 465 -18.91 -1.48 -12.97
N PRO B 466 -19.40 -2.33 -13.91
CA PRO B 466 -20.33 -3.39 -13.50
C PRO B 466 -19.70 -4.55 -12.73
N LYS B 467 -20.48 -5.17 -11.84
CA LYS B 467 -20.00 -6.31 -11.07
C LYS B 467 -19.77 -7.54 -11.98
N LYS B 468 -18.73 -8.34 -11.67
CA LYS B 468 -18.36 -9.57 -12.40
C LYS B 468 -18.52 -10.84 -11.57
N TYR B 469 -18.77 -10.76 -10.24
CA TYR B 469 -18.91 -11.95 -9.39
C TYR B 469 -20.36 -12.19 -8.99
N SER B 470 -20.95 -13.31 -9.44
CA SER B 470 -22.34 -13.64 -9.11
C SER B 470 -22.48 -14.11 -7.66
N TYR B 471 -21.50 -14.86 -7.18
CA TYR B 471 -21.45 -15.38 -5.81
C TYR B 471 -21.15 -14.27 -4.74
N PRO B 472 -21.33 -14.55 -3.41
CA PRO B 472 -21.07 -13.50 -2.41
C PRO B 472 -19.59 -13.20 -2.21
N LEU B 473 -19.30 -11.96 -1.81
CA LEU B 473 -17.95 -11.48 -1.63
C LEU B 473 -17.46 -11.53 -0.18
N LYS B 474 -18.37 -11.75 0.79
CA LYS B 474 -17.98 -11.78 2.20
C LYS B 474 -16.99 -12.92 2.44
N SER B 475 -15.95 -12.62 3.20
CA SER B 475 -14.93 -13.61 3.49
C SER B 475 -15.38 -14.50 4.62
N PRO B 476 -15.00 -15.78 4.57
CA PRO B 476 -15.28 -16.67 5.70
C PRO B 476 -14.34 -16.43 6.91
N GLY B 477 -13.27 -15.64 6.73
CA GLY B 477 -12.31 -15.31 7.78
C GLY B 477 -11.06 -16.18 7.80
N VAL B 478 -10.14 -15.87 8.72
CA VAL B 478 -8.86 -16.59 8.86
C VAL B 478 -8.82 -17.51 10.10
N ARG B 479 -9.87 -17.50 10.97
CA ARG B 479 -9.89 -18.41 12.12
C ARG B 479 -10.33 -19.78 11.55
N PRO B 480 -9.58 -20.89 11.77
CA PRO B 480 -10.02 -22.19 11.22
C PRO B 480 -11.36 -22.65 11.75
#